data_1QVB
#
_entry.id   1QVB
#
_cell.length_a   117.509
_cell.length_b   102.215
_cell.length_c   95.776
_cell.angle_alpha   90.00
_cell.angle_beta   90.00
_cell.angle_gamma   90.00
#
_symmetry.space_group_name_H-M   'P 21 21 2'
#
loop_
_entity.id
_entity.type
_entity.pdbx_description
1 polymer BETA-GLYCOSIDASE
2 water water
#
_entity_poly.entity_id   1
_entity_poly.type   'polypeptide(L)'
_entity_poly.pdbx_seq_one_letter_code
;MKFPKDFMIGYSSSPFQFEAGIPGSEDPNSDWWVWVHDPENTAAGLVSGDFPENGPGYWNLNQNDHDLAEKLGVNTIRVG
VEWSRIFPKPTFNVKVPVERDENGSIVHVDVDDKAVERLDELANKEAVNHYVEMYKDWVERGRKLILNLYHWPLPLWLHN
PIMVRRMGPDRAPSGWLNEESVVEFAKYAAYIAWKMGELPVMWSTMNEPNVVYEQGYMFVKGGFPPGYLSLEAADKARRN
MIQAHARAYDNIKRFSKKPVGLIYAFQWFELLEGPAEVFDKFKSSKLYYFTDIVSKGSSIINVEYRRDLANRLDWLGVNY
YSRLVYKIVDDKPIILHGYGFLCTPGGISPAENPCSDFGWEVYPEGLYLLLKELYNRYGVDLIVTENGVSDSRDALRPAY
LVSHVYSVWKAANEGIPVKGYLHWSLTDNYEWAQGFRQKFGLVMVDFKTKKRYLRPSALVFREIATHNGIPDELQHLTLI
Q
;
_entity_poly.pdbx_strand_id   A,B
#
# COMPACT_ATOMS: atom_id res chain seq x y z
N MET A 1 23.80 8.63 -38.49
CA MET A 1 23.40 8.56 -37.05
C MET A 1 22.83 9.91 -36.66
N LYS A 2 22.09 10.51 -37.60
CA LYS A 2 21.45 11.80 -37.39
C LYS A 2 19.97 11.68 -37.74
N PHE A 3 19.15 12.50 -37.11
CA PHE A 3 17.71 12.49 -37.37
C PHE A 3 17.40 13.47 -38.49
N PRO A 4 16.18 13.41 -39.05
CA PRO A 4 15.78 14.31 -40.12
C PRO A 4 15.88 15.78 -39.69
N LYS A 5 15.89 16.67 -40.68
CA LYS A 5 16.00 18.10 -40.45
C LYS A 5 15.12 18.62 -39.32
N ASP A 6 13.81 18.46 -39.46
CA ASP A 6 12.86 18.97 -38.48
C ASP A 6 12.50 18.04 -37.31
N PHE A 7 13.38 17.10 -36.99
CA PHE A 7 13.14 16.17 -35.89
C PHE A 7 13.09 16.93 -34.56
N MET A 8 12.03 16.72 -33.79
CA MET A 8 11.86 17.39 -32.51
C MET A 8 12.66 16.72 -31.39
N ILE A 9 13.45 17.54 -30.68
CA ILE A 9 14.24 17.06 -29.55
C ILE A 9 13.99 18.01 -28.38
N GLY A 10 13.68 17.46 -27.22
CA GLY A 10 13.43 18.30 -26.06
C GLY A 10 13.03 17.50 -24.83
N TYR A 11 12.02 17.98 -24.12
CA TYR A 11 11.56 17.31 -22.92
C TYR A 11 10.11 17.65 -22.63
N SER A 12 9.53 16.93 -21.68
CA SER A 12 8.15 17.13 -21.29
C SER A 12 8.06 17.49 -19.81
N SER A 13 6.93 18.06 -19.43
CA SER A 13 6.67 18.45 -18.05
C SER A 13 5.17 18.43 -17.86
N SER A 14 4.74 18.57 -16.62
CA SER A 14 3.33 18.60 -16.30
C SER A 14 3.12 19.79 -15.36
N PRO A 15 1.89 20.30 -15.29
CA PRO A 15 1.60 21.42 -14.40
C PRO A 15 1.86 21.12 -12.92
N PHE A 16 1.15 20.13 -12.41
CA PHE A 16 1.25 19.75 -11.01
C PHE A 16 2.65 19.50 -10.46
N GLN A 17 3.48 18.81 -11.23
CA GLN A 17 4.81 18.46 -10.74
C GLN A 17 5.87 19.55 -10.80
N PHE A 18 5.62 20.63 -11.54
CA PHE A 18 6.62 21.69 -11.67
C PHE A 18 6.21 23.12 -11.32
N GLU A 19 4.95 23.46 -11.56
CA GLU A 19 4.50 24.84 -11.34
C GLU A 19 4.70 25.48 -9.97
N ALA A 20 4.13 24.87 -8.93
CA ALA A 20 4.28 25.43 -7.58
C ALA A 20 5.72 25.36 -7.09
N GLY A 21 6.00 26.11 -6.03
CA GLY A 21 7.34 26.16 -5.47
C GLY A 21 7.64 27.53 -4.87
N ILE A 22 7.11 28.57 -5.49
CA ILE A 22 7.27 29.94 -4.99
C ILE A 22 5.92 30.35 -4.45
N PRO A 23 5.87 30.86 -3.20
CA PRO A 23 4.63 31.27 -2.55
C PRO A 23 3.67 32.03 -3.45
N GLY A 24 2.40 31.62 -3.43
CA GLY A 24 1.40 32.30 -4.23
C GLY A 24 1.06 31.63 -5.56
N SER A 25 1.77 30.56 -5.90
CA SER A 25 1.51 29.89 -7.17
C SER A 25 0.82 28.56 -7.02
N GLU A 26 0.45 28.21 -5.79
CA GLU A 26 -0.21 26.94 -5.53
C GLU A 26 -1.56 26.85 -6.20
N ASP A 27 -2.00 25.62 -6.46
CA ASP A 27 -3.32 25.38 -7.03
C ASP A 27 -3.99 24.42 -6.05
N PRO A 28 -4.59 24.97 -4.99
CA PRO A 28 -5.27 24.20 -3.94
C PRO A 28 -6.63 23.65 -4.34
N ASN A 29 -7.02 23.86 -5.60
CA ASN A 29 -8.34 23.43 -6.03
C ASN A 29 -8.43 22.13 -6.83
N SER A 30 -7.44 21.24 -6.68
CA SER A 30 -7.49 19.97 -7.39
C SER A 30 -7.54 18.81 -6.41
N ASP A 31 -7.95 17.64 -6.89
CA ASP A 31 -8.02 16.47 -6.05
C ASP A 31 -6.63 16.05 -5.58
N TRP A 32 -5.64 16.14 -6.46
CA TRP A 32 -4.28 15.78 -6.09
C TRP A 32 -3.69 16.68 -4.99
N TRP A 33 -4.03 17.97 -5.02
CA TRP A 33 -3.54 18.89 -4.01
C TRP A 33 -4.05 18.46 -2.63
N VAL A 34 -5.35 18.26 -2.52
CA VAL A 34 -5.92 17.83 -1.24
C VAL A 34 -5.36 16.46 -0.86
N TRP A 35 -5.30 15.56 -1.84
CA TRP A 35 -4.82 14.20 -1.62
C TRP A 35 -3.43 14.10 -1.00
N VAL A 36 -2.46 14.87 -1.51
CA VAL A 36 -1.11 14.81 -0.95
C VAL A 36 -0.95 15.60 0.35
N HIS A 37 -1.90 16.46 0.68
CA HIS A 37 -1.83 17.20 1.95
C HIS A 37 -2.61 16.47 3.04
N ASP A 38 -3.33 15.42 2.66
CA ASP A 38 -4.14 14.67 3.60
C ASP A 38 -3.34 13.98 4.71
N PRO A 39 -3.68 14.25 5.98
CA PRO A 39 -3.04 13.67 7.17
C PRO A 39 -3.08 12.15 7.17
N GLU A 40 -4.26 11.60 6.91
CA GLU A 40 -4.44 10.15 6.88
C GLU A 40 -3.61 9.49 5.78
N ASN A 41 -3.66 10.04 4.57
CA ASN A 41 -2.87 9.46 3.48
C ASN A 41 -1.38 9.47 3.86
N THR A 42 -0.95 10.54 4.51
CA THR A 42 0.43 10.70 4.92
C THR A 42 0.81 9.68 5.98
N ALA A 43 0.02 9.61 7.05
CA ALA A 43 0.28 8.67 8.14
C ALA A 43 0.33 7.25 7.60
N ALA A 44 -0.58 6.95 6.67
CA ALA A 44 -0.67 5.62 6.06
C ALA A 44 0.50 5.33 5.11
N GLY A 45 1.22 6.37 4.71
CA GLY A 45 2.31 6.16 3.79
C GLY A 45 1.88 6.07 2.32
N LEU A 46 0.61 6.40 2.06
CA LEU A 46 0.09 6.39 0.69
C LEU A 46 0.79 7.49 -0.11
N VAL A 47 1.03 8.63 0.52
CA VAL A 47 1.76 9.72 -0.10
C VAL A 47 3.01 9.91 0.74
N SER A 48 4.07 10.45 0.14
CA SER A 48 5.34 10.65 0.83
C SER A 48 5.36 11.67 1.95
N GLY A 49 4.57 12.72 1.82
CA GLY A 49 4.59 13.74 2.85
C GLY A 49 5.19 15.01 2.27
N ASP A 50 5.85 14.88 1.11
CA ASP A 50 6.42 16.05 0.45
C ASP A 50 5.27 16.82 -0.19
N PHE A 51 5.46 18.14 -0.30
CA PHE A 51 4.47 19.04 -0.85
C PHE A 51 4.88 19.69 -2.17
N PRO A 52 3.91 19.80 -3.10
CA PRO A 52 4.11 20.40 -4.41
C PRO A 52 4.52 21.87 -4.32
N GLU A 53 4.07 22.54 -3.26
CA GLU A 53 4.39 23.95 -3.07
C GLU A 53 5.88 24.12 -2.86
N ASN A 54 6.57 23.01 -2.64
CA ASN A 54 8.01 23.08 -2.43
C ASN A 54 8.74 22.63 -3.70
N GLY A 55 7.99 22.61 -4.80
CA GLY A 55 8.55 22.19 -6.07
C GLY A 55 9.54 23.12 -6.73
N PRO A 56 9.87 22.86 -8.01
CA PRO A 56 10.81 23.68 -8.78
C PRO A 56 10.35 25.12 -9.05
N GLY A 57 9.06 25.39 -8.93
CA GLY A 57 8.57 26.74 -9.13
C GLY A 57 8.59 27.30 -10.54
N TYR A 58 8.31 26.44 -11.52
CA TYR A 58 8.28 26.80 -12.93
C TYR A 58 7.31 27.93 -13.24
N TRP A 59 6.25 28.01 -12.44
CA TRP A 59 5.23 29.02 -12.63
C TRP A 59 5.83 30.41 -12.57
N ASN A 60 6.91 30.55 -11.80
CA ASN A 60 7.59 31.81 -11.63
C ASN A 60 8.95 31.85 -12.34
N LEU A 61 9.56 30.67 -12.49
CA LEU A 61 10.88 30.57 -13.09
C LEU A 61 10.91 30.11 -14.55
N ASN A 62 9.74 30.00 -15.18
CA ASN A 62 9.63 29.55 -16.57
C ASN A 62 10.66 30.14 -17.53
N GLN A 63 10.86 31.44 -17.46
CA GLN A 63 11.79 32.10 -18.37
C GLN A 63 13.22 31.58 -18.16
N ASN A 64 13.62 31.37 -16.91
CA ASN A 64 14.95 30.86 -16.67
C ASN A 64 15.12 29.41 -17.12
N ASP A 65 14.08 28.59 -16.97
CA ASP A 65 14.18 27.22 -17.42
C ASP A 65 14.15 27.12 -18.93
N HIS A 66 13.44 28.04 -19.57
CA HIS A 66 13.38 28.03 -21.02
C HIS A 66 14.76 28.39 -21.55
N ASP A 67 15.46 29.30 -20.88
CA ASP A 67 16.81 29.67 -21.32
C ASP A 67 17.73 28.49 -21.14
N LEU A 68 17.58 27.80 -20.00
CA LEU A 68 18.41 26.64 -19.71
C LEU A 68 18.16 25.62 -20.82
N ALA A 69 16.89 25.37 -21.10
CA ALA A 69 16.50 24.42 -22.14
C ALA A 69 17.15 24.78 -23.47
N GLU A 70 17.04 26.04 -23.84
CA GLU A 70 17.61 26.52 -25.09
C GLU A 70 19.13 26.37 -25.08
N LYS A 71 19.75 26.62 -23.93
CA LYS A 71 21.20 26.48 -23.83
C LYS A 71 21.62 25.03 -24.05
N LEU A 72 20.73 24.10 -23.74
CA LEU A 72 21.04 22.68 -23.91
C LEU A 72 20.64 22.14 -25.28
N GLY A 73 20.05 22.99 -26.12
CA GLY A 73 19.66 22.55 -27.45
C GLY A 73 18.23 22.06 -27.59
N VAL A 74 17.40 22.31 -26.59
CA VAL A 74 16.01 21.90 -26.66
C VAL A 74 15.31 22.73 -27.72
N ASN A 75 14.67 22.08 -28.69
CA ASN A 75 13.97 22.83 -29.73
C ASN A 75 12.46 22.64 -29.63
N THR A 76 12.05 21.67 -28.82
CA THR A 76 10.64 21.41 -28.66
C THR A 76 10.26 20.97 -27.25
N ILE A 77 9.16 21.49 -26.73
CA ILE A 77 8.71 21.13 -25.40
C ILE A 77 7.23 20.77 -25.40
N ARG A 78 6.86 19.82 -24.56
CA ARG A 78 5.47 19.42 -24.41
C ARG A 78 5.06 19.76 -23.00
N VAL A 79 4.03 20.57 -22.87
CA VAL A 79 3.54 21.02 -21.59
C VAL A 79 2.04 20.82 -21.46
N GLY A 80 1.52 21.09 -20.28
CA GLY A 80 0.09 20.94 -20.05
C GLY A 80 -0.54 22.17 -19.45
N VAL A 81 -1.84 22.07 -19.19
CA VAL A 81 -2.62 23.14 -18.58
C VAL A 81 -3.51 22.46 -17.53
N GLU A 82 -3.48 22.97 -16.30
CA GLU A 82 -4.31 22.41 -15.23
C GLU A 82 -5.77 22.82 -15.37
N TRP A 83 -6.64 21.84 -15.52
CA TRP A 83 -8.07 22.07 -15.62
C TRP A 83 -8.51 22.94 -14.43
N SER A 84 -8.04 22.56 -13.23
CA SER A 84 -8.41 23.27 -12.01
C SER A 84 -7.91 24.70 -11.87
N ARG A 85 -6.85 25.09 -12.58
CA ARG A 85 -6.37 26.47 -12.49
C ARG A 85 -7.23 27.32 -13.44
N ILE A 86 -7.67 26.71 -14.54
CA ILE A 86 -8.49 27.38 -15.54
C ILE A 86 -9.93 27.56 -15.07
N PHE A 87 -10.50 26.50 -14.50
CA PHE A 87 -11.86 26.54 -13.99
C PHE A 87 -11.94 26.08 -12.53
N PRO A 88 -11.55 26.97 -11.60
CA PRO A 88 -11.59 26.67 -10.16
C PRO A 88 -13.02 26.40 -9.69
N LYS A 89 -13.98 27.02 -10.37
CA LYS A 89 -15.39 26.86 -10.03
C LYS A 89 -16.03 25.94 -11.07
N PRO A 90 -17.17 25.32 -10.72
CA PRO A 90 -17.93 24.40 -11.58
C PRO A 90 -18.45 25.01 -12.88
N THR A 91 -18.29 24.27 -13.97
CA THR A 91 -18.75 24.73 -15.29
C THR A 91 -20.01 23.96 -15.66
N PHE A 92 -20.50 23.18 -14.71
CA PHE A 92 -21.70 22.37 -14.88
C PHE A 92 -22.90 23.11 -15.48
N ASN A 93 -23.12 24.35 -15.06
CA ASN A 93 -24.26 25.11 -15.53
C ASN A 93 -24.25 25.63 -16.96
N VAL A 94 -23.09 25.63 -17.61
CA VAL A 94 -23.05 26.08 -18.99
C VAL A 94 -23.62 24.90 -19.77
N LYS A 95 -24.95 24.87 -19.88
CA LYS A 95 -25.69 23.80 -20.54
C LYS A 95 -25.05 23.00 -21.68
N VAL A 96 -25.08 23.52 -22.90
CA VAL A 96 -24.48 22.79 -24.02
C VAL A 96 -25.20 21.48 -24.39
N PRO A 97 -25.55 21.31 -25.68
CA PRO A 97 -26.24 20.12 -26.19
C PRO A 97 -25.37 18.88 -26.06
N VAL A 98 -25.98 17.77 -25.64
CA VAL A 98 -25.28 16.50 -25.47
C VAL A 98 -26.07 15.36 -26.09
N GLU A 99 -25.50 14.77 -27.13
CA GLU A 99 -26.13 13.68 -27.86
C GLU A 99 -25.78 12.35 -27.21
N ARG A 100 -26.80 11.53 -26.93
CA ARG A 100 -26.60 10.22 -26.33
C ARG A 100 -27.25 9.11 -27.13
N ASP A 101 -26.48 8.07 -27.43
CA ASP A 101 -26.98 6.93 -28.20
C ASP A 101 -27.96 6.15 -27.32
N GLU A 102 -28.31 4.94 -27.76
CA GLU A 102 -29.24 4.09 -27.03
C GLU A 102 -28.67 3.53 -25.72
N ASN A 103 -27.36 3.31 -25.68
CA ASN A 103 -26.74 2.74 -24.47
C ASN A 103 -26.26 3.76 -23.44
N GLY A 104 -26.53 5.04 -23.67
CA GLY A 104 -26.11 6.05 -22.72
C GLY A 104 -24.75 6.67 -23.03
N SER A 105 -24.12 6.21 -24.12
CA SER A 105 -22.83 6.74 -24.51
C SER A 105 -22.98 8.18 -24.96
N ILE A 106 -22.02 9.02 -24.60
CA ILE A 106 -22.05 10.43 -24.98
C ILE A 106 -21.29 10.54 -26.30
N VAL A 107 -22.02 10.33 -27.39
CA VAL A 107 -21.44 10.34 -28.73
C VAL A 107 -21.16 11.72 -29.30
N HIS A 108 -21.65 12.77 -28.64
CA HIS A 108 -21.40 14.12 -29.13
C HIS A 108 -21.72 15.21 -28.12
N VAL A 109 -20.84 16.21 -28.08
CA VAL A 109 -20.99 17.35 -27.18
C VAL A 109 -20.75 18.59 -28.01
N ASP A 110 -21.78 19.43 -28.14
CA ASP A 110 -21.69 20.64 -28.95
C ASP A 110 -21.42 21.90 -28.13
N VAL A 111 -20.20 22.41 -28.23
CA VAL A 111 -19.81 23.62 -27.51
C VAL A 111 -19.57 24.69 -28.57
N ASP A 112 -20.53 25.59 -28.75
CA ASP A 112 -20.42 26.64 -29.75
C ASP A 112 -19.76 27.92 -29.23
N ASP A 113 -19.68 28.93 -30.09
CA ASP A 113 -19.06 30.20 -29.72
C ASP A 113 -19.69 30.88 -28.51
N LYS A 114 -21.01 30.80 -28.37
CA LYS A 114 -21.64 31.42 -27.21
C LYS A 114 -21.21 30.71 -25.93
N ALA A 115 -21.19 29.39 -25.97
CA ALA A 115 -20.78 28.58 -24.82
C ALA A 115 -19.36 28.95 -24.43
N VAL A 116 -18.49 29.08 -25.44
CA VAL A 116 -17.11 29.44 -25.18
C VAL A 116 -17.00 30.83 -24.54
N GLU A 117 -17.76 31.79 -25.07
CA GLU A 117 -17.77 33.14 -24.54
C GLU A 117 -18.25 33.10 -23.10
N ARG A 118 -19.18 32.20 -22.82
CA ARG A 118 -19.71 32.05 -21.47
C ARG A 118 -18.64 31.42 -20.57
N LEU A 119 -18.03 30.34 -21.05
CA LEU A 119 -16.97 29.68 -20.29
C LEU A 119 -15.85 30.67 -19.99
N ASP A 120 -15.59 31.56 -20.95
CA ASP A 120 -14.54 32.55 -20.79
C ASP A 120 -14.86 33.51 -19.66
N GLU A 121 -16.14 33.56 -19.28
CA GLU A 121 -16.56 34.44 -18.20
C GLU A 121 -16.31 33.75 -16.86
N LEU A 122 -16.35 32.42 -16.87
CA LEU A 122 -16.15 31.64 -15.66
C LEU A 122 -14.67 31.37 -15.44
N ALA A 123 -13.91 31.28 -16.53
CA ALA A 123 -12.48 31.00 -16.46
C ALA A 123 -11.71 31.95 -15.57
N ASN A 124 -10.60 31.47 -15.03
CA ASN A 124 -9.73 32.29 -14.19
C ASN A 124 -8.75 32.97 -15.13
N LYS A 125 -9.05 34.19 -15.51
CA LYS A 125 -8.21 34.95 -16.44
C LYS A 125 -6.75 35.06 -16.05
N GLU A 126 -6.48 35.25 -14.77
CA GLU A 126 -5.10 35.38 -14.33
C GLU A 126 -4.30 34.13 -14.75
N ALA A 127 -4.88 32.96 -14.54
CA ALA A 127 -4.21 31.71 -14.90
C ALA A 127 -4.12 31.56 -16.43
N VAL A 128 -5.24 31.79 -17.11
CA VAL A 128 -5.25 31.68 -18.57
C VAL A 128 -4.17 32.56 -19.17
N ASN A 129 -4.16 33.83 -18.76
CA ASN A 129 -3.17 34.79 -19.25
C ASN A 129 -1.75 34.38 -18.88
N HIS A 130 -1.58 33.80 -17.71
CA HIS A 130 -0.25 33.40 -17.28
C HIS A 130 0.26 32.22 -18.12
N TYR A 131 -0.65 31.34 -18.52
CA TYR A 131 -0.25 30.21 -19.35
C TYR A 131 0.21 30.70 -20.72
N VAL A 132 -0.61 31.57 -21.33
CA VAL A 132 -0.28 32.15 -22.62
C VAL A 132 1.08 32.82 -22.52
N GLU A 133 1.30 33.50 -21.40
CA GLU A 133 2.54 34.21 -21.17
C GLU A 133 3.75 33.27 -21.11
N MET A 134 3.64 32.19 -20.33
CA MET A 134 4.74 31.24 -20.22
C MET A 134 5.04 30.56 -21.54
N TYR A 135 4.00 30.05 -22.19
CA TYR A 135 4.19 29.33 -23.44
C TYR A 135 4.53 30.20 -24.63
N LYS A 136 4.13 31.46 -24.56
CA LYS A 136 4.45 32.41 -25.62
C LYS A 136 5.93 32.73 -25.49
N ASP A 137 6.42 32.71 -24.25
CA ASP A 137 7.82 33.00 -23.98
C ASP A 137 8.73 31.94 -24.60
N TRP A 138 8.21 30.72 -24.71
CA TRP A 138 8.97 29.65 -25.32
C TRP A 138 8.81 29.63 -26.83
N VAL A 139 7.57 29.76 -27.28
CA VAL A 139 7.27 29.75 -28.71
C VAL A 139 7.88 30.93 -29.46
N GLU A 140 7.79 32.12 -28.90
CA GLU A 140 8.34 33.29 -29.57
C GLU A 140 9.85 33.25 -29.72
N ARG A 141 10.49 32.18 -29.21
CA ARG A 141 11.94 32.03 -29.34
C ARG A 141 12.19 31.28 -30.66
N GLY A 142 11.09 30.93 -31.35
CA GLY A 142 11.20 30.19 -32.58
C GLY A 142 11.34 28.70 -32.28
N ARG A 143 10.64 28.25 -31.25
CA ARG A 143 10.68 26.86 -30.82
C ARG A 143 9.28 26.27 -30.87
N LYS A 144 9.19 24.95 -30.88
CA LYS A 144 7.90 24.27 -30.93
C LYS A 144 7.36 23.91 -29.55
N LEU A 145 6.03 23.95 -29.45
CA LEU A 145 5.33 23.62 -28.22
C LEU A 145 4.24 22.61 -28.53
N ILE A 146 4.16 21.57 -27.72
CA ILE A 146 3.10 20.57 -27.86
C ILE A 146 2.27 20.78 -26.60
N LEU A 147 0.98 21.03 -26.76
CA LEU A 147 0.12 21.30 -25.61
C LEU A 147 -0.79 20.14 -25.27
N ASN A 148 -0.68 19.68 -24.02
CA ASN A 148 -1.47 18.58 -23.49
C ASN A 148 -2.50 19.18 -22.55
N LEU A 149 -3.77 18.80 -22.71
CA LEU A 149 -4.84 19.36 -21.90
C LEU A 149 -5.04 18.78 -20.50
N TYR A 150 -4.65 17.52 -20.31
CA TYR A 150 -4.90 16.87 -19.04
C TYR A 150 -3.76 16.00 -18.58
N HIS A 151 -3.25 16.27 -17.38
CA HIS A 151 -2.18 15.48 -16.83
C HIS A 151 -2.44 15.09 -15.38
N TRP A 152 -3.61 14.46 -15.19
CA TRP A 152 -4.05 13.89 -13.92
C TRP A 152 -4.93 14.66 -12.93
N PRO A 153 -4.43 15.76 -12.36
CA PRO A 153 -5.30 16.47 -11.41
C PRO A 153 -6.67 16.87 -11.96
N LEU A 154 -7.69 16.73 -11.13
CA LEU A 154 -9.06 17.11 -11.49
C LEU A 154 -9.54 18.18 -10.52
N PRO A 155 -10.44 19.06 -10.97
CA PRO A 155 -10.95 20.11 -10.08
C PRO A 155 -11.73 19.46 -8.93
N LEU A 156 -11.61 20.02 -7.73
CA LEU A 156 -12.34 19.47 -6.58
C LEU A 156 -13.85 19.48 -6.78
N TRP A 157 -14.38 20.45 -7.53
CA TRP A 157 -15.80 20.47 -7.74
C TRP A 157 -16.24 19.27 -8.56
N LEU A 158 -15.28 18.63 -9.24
CA LEU A 158 -15.59 17.44 -10.04
C LEU A 158 -15.16 16.18 -9.27
N HIS A 159 -14.04 16.24 -8.55
CA HIS A 159 -13.58 15.07 -7.82
C HIS A 159 -13.10 15.34 -6.40
N ASN A 160 -13.81 14.80 -5.42
CA ASN A 160 -13.43 14.92 -4.01
C ASN A 160 -12.94 13.52 -3.66
N PRO A 161 -11.63 13.27 -3.82
CA PRO A 161 -11.03 11.97 -3.54
C PRO A 161 -11.24 11.41 -2.15
N ILE A 162 -11.04 12.26 -1.14
CA ILE A 162 -11.20 11.82 0.25
C ILE A 162 -12.62 11.36 0.52
N MET A 163 -13.60 12.10 0.01
CA MET A 163 -14.99 11.75 0.22
C MET A 163 -15.38 10.48 -0.54
N VAL A 164 -14.76 10.25 -1.70
CA VAL A 164 -15.02 9.05 -2.49
C VAL A 164 -14.54 7.82 -1.75
N ARG A 165 -13.42 7.94 -1.04
CA ARG A 165 -12.85 6.80 -0.33
C ARG A 165 -13.68 6.45 0.92
N ARG A 166 -14.10 7.47 1.65
CA ARG A 166 -14.87 7.28 2.88
C ARG A 166 -16.32 6.88 2.69
N MET A 167 -16.99 7.52 1.72
CA MET A 167 -18.41 7.29 1.51
C MET A 167 -18.75 6.38 0.35
N GLY A 168 -17.87 6.32 -0.64
CA GLY A 168 -18.14 5.51 -1.80
C GLY A 168 -18.40 6.46 -2.95
N PRO A 169 -18.16 6.04 -4.20
CA PRO A 169 -18.36 6.87 -5.39
C PRO A 169 -19.76 7.46 -5.53
N ASP A 170 -20.77 6.72 -5.09
CA ASP A 170 -22.14 7.18 -5.21
C ASP A 170 -22.54 8.27 -4.24
N ARG A 171 -21.68 8.59 -3.28
CA ARG A 171 -22.00 9.63 -2.30
C ARG A 171 -20.98 10.75 -2.30
N ALA A 172 -20.39 11.02 -3.45
CA ALA A 172 -19.39 12.07 -3.55
C ALA A 172 -19.10 12.45 -5.00
N PRO A 173 -18.53 13.65 -5.24
CA PRO A 173 -18.18 14.08 -6.60
C PRO A 173 -17.11 13.06 -6.99
N SER A 174 -17.47 12.09 -7.82
CA SER A 174 -16.58 11.00 -8.18
C SER A 174 -15.65 11.06 -9.39
N GLY A 175 -15.21 12.26 -9.77
CA GLY A 175 -14.30 12.39 -10.89
C GLY A 175 -14.70 11.68 -12.18
N TRP A 176 -13.78 10.93 -12.77
CA TRP A 176 -14.07 10.21 -14.01
C TRP A 176 -15.17 9.17 -13.88
N LEU A 177 -15.62 8.89 -12.66
CA LEU A 177 -16.70 7.93 -12.47
C LEU A 177 -18.02 8.63 -12.76
N ASN A 178 -17.97 9.96 -12.90
CA ASN A 178 -19.15 10.75 -13.21
C ASN A 178 -19.10 11.03 -14.71
N GLU A 179 -20.02 10.45 -15.47
CA GLU A 179 -20.03 10.66 -16.92
C GLU A 179 -20.08 12.13 -17.32
N GLU A 180 -20.58 12.99 -16.44
CA GLU A 180 -20.64 14.39 -16.78
C GLU A 180 -19.24 14.97 -16.95
N SER A 181 -18.25 14.25 -16.46
CA SER A 181 -16.86 14.68 -16.57
C SER A 181 -16.53 14.75 -18.06
N VAL A 182 -17.20 13.92 -18.85
CA VAL A 182 -16.99 13.89 -20.28
C VAL A 182 -17.42 15.23 -20.87
N VAL A 183 -18.63 15.64 -20.51
CA VAL A 183 -19.17 16.90 -20.99
C VAL A 183 -18.33 18.08 -20.54
N GLU A 184 -17.96 18.10 -19.26
CA GLU A 184 -17.15 19.18 -18.72
C GLU A 184 -15.76 19.21 -19.35
N PHE A 185 -15.18 18.06 -19.60
CA PHE A 185 -13.86 18.00 -20.20
C PHE A 185 -13.95 18.54 -21.62
N ALA A 186 -15.04 18.23 -22.31
CA ALA A 186 -15.25 18.69 -23.68
C ALA A 186 -15.36 20.22 -23.74
N LYS A 187 -16.02 20.80 -22.74
CA LYS A 187 -16.18 22.24 -22.68
C LYS A 187 -14.82 22.86 -22.39
N TYR A 188 -14.07 22.23 -21.50
CA TYR A 188 -12.74 22.68 -21.14
C TYR A 188 -11.80 22.63 -22.35
N ALA A 189 -11.95 21.59 -23.15
CA ALA A 189 -11.11 21.42 -24.33
C ALA A 189 -11.37 22.50 -25.38
N ALA A 190 -12.65 22.75 -25.67
CA ALA A 190 -13.02 23.77 -26.65
C ALA A 190 -12.49 25.14 -26.21
N TYR A 191 -12.68 25.46 -24.93
CA TYR A 191 -12.23 26.74 -24.41
C TYR A 191 -10.71 26.93 -24.58
N ILE A 192 -9.93 25.91 -24.25
CA ILE A 192 -8.48 26.01 -24.37
C ILE A 192 -8.10 26.11 -25.86
N ALA A 193 -8.77 25.31 -26.68
CA ALA A 193 -8.49 25.33 -28.11
C ALA A 193 -8.75 26.74 -28.64
N TRP A 194 -9.87 27.32 -28.25
CA TRP A 194 -10.21 28.66 -28.71
C TRP A 194 -9.29 29.75 -28.13
N LYS A 195 -8.95 29.62 -26.85
CA LYS A 195 -8.10 30.59 -26.17
C LYS A 195 -6.60 30.52 -26.46
N MET A 196 -6.04 29.31 -26.54
CA MET A 196 -4.60 29.15 -26.74
C MET A 196 -4.23 28.44 -28.04
N GLY A 197 -5.20 28.30 -28.93
CA GLY A 197 -4.97 27.60 -30.19
C GLY A 197 -3.79 27.97 -31.06
N GLU A 198 -3.33 29.22 -30.97
CA GLU A 198 -2.22 29.67 -31.80
C GLU A 198 -0.85 29.19 -31.33
N LEU A 199 -0.75 28.87 -30.04
CA LEU A 199 0.53 28.46 -29.47
C LEU A 199 1.17 27.14 -29.92
N PRO A 200 0.48 26.01 -29.73
CA PRO A 200 1.01 24.69 -30.11
C PRO A 200 1.04 24.30 -31.58
N VAL A 201 1.91 23.34 -31.89
CA VAL A 201 1.98 22.83 -33.25
C VAL A 201 1.10 21.58 -33.28
N MET A 202 0.85 21.00 -32.11
CA MET A 202 0.02 19.79 -31.99
C MET A 202 -0.66 19.78 -30.63
N TRP A 203 -1.76 19.04 -30.54
CA TRP A 203 -2.48 18.91 -29.30
C TRP A 203 -2.47 17.48 -28.79
N SER A 204 -2.69 17.34 -27.50
CA SER A 204 -2.80 16.05 -26.84
C SER A 204 -3.94 16.24 -25.86
N THR A 205 -4.94 15.37 -25.91
CA THR A 205 -6.06 15.52 -25.01
C THR A 205 -5.69 15.15 -23.58
N MET A 206 -4.93 14.07 -23.42
CA MET A 206 -4.55 13.61 -22.10
C MET A 206 -3.23 12.84 -22.03
N ASN A 207 -2.68 12.77 -20.82
CA ASN A 207 -1.41 12.09 -20.56
C ASN A 207 -1.63 10.81 -19.75
N GLU A 208 -1.19 9.70 -20.31
CA GLU A 208 -1.30 8.39 -19.68
C GLU A 208 -2.62 8.20 -18.93
N PRO A 209 -3.74 8.24 -19.65
CA PRO A 209 -5.03 8.06 -18.98
C PRO A 209 -5.13 6.72 -18.24
N ASN A 210 -4.51 5.69 -18.80
CA ASN A 210 -4.55 4.37 -18.21
C ASN A 210 -3.97 4.36 -16.79
N VAL A 211 -2.91 5.13 -16.56
CA VAL A 211 -2.30 5.19 -15.22
C VAL A 211 -3.29 5.79 -14.21
N VAL A 212 -4.06 6.77 -14.64
CA VAL A 212 -5.04 7.40 -13.78
C VAL A 212 -6.04 6.37 -13.23
N TYR A 213 -6.70 5.61 -14.09
CA TYR A 213 -7.67 4.64 -13.59
C TYR A 213 -7.09 3.33 -13.02
N GLU A 214 -5.93 2.90 -13.50
CA GLU A 214 -5.33 1.70 -12.95
C GLU A 214 -4.81 1.95 -11.53
N GLN A 215 -4.12 3.07 -11.35
CA GLN A 215 -3.58 3.44 -10.05
C GLN A 215 -4.66 3.87 -9.07
N GLY A 216 -5.62 4.66 -9.54
CA GLY A 216 -6.67 5.14 -8.67
C GLY A 216 -7.71 4.13 -8.20
N TYR A 217 -7.96 3.09 -8.99
CA TYR A 217 -8.97 2.09 -8.62
C TYR A 217 -8.51 0.63 -8.59
N MET A 218 -7.23 0.38 -8.85
CA MET A 218 -6.73 -0.99 -8.83
C MET A 218 -5.49 -1.16 -7.96
N PHE A 219 -4.42 -0.47 -8.35
CA PHE A 219 -3.16 -0.55 -7.62
C PHE A 219 -3.11 0.53 -6.56
N VAL A 220 -4.12 0.49 -5.68
CA VAL A 220 -4.30 1.48 -4.62
C VAL A 220 -3.12 1.70 -3.66
N LYS A 221 -2.20 0.74 -3.56
CA LYS A 221 -1.05 0.93 -2.68
C LYS A 221 -0.09 1.95 -3.29
N GLY A 222 -0.39 2.38 -4.51
CA GLY A 222 0.47 3.36 -5.17
C GLY A 222 0.24 4.79 -4.73
N GLY A 223 -0.79 5.01 -3.92
CA GLY A 223 -1.04 6.36 -3.45
C GLY A 223 -1.71 7.35 -4.39
N PHE A 224 -2.42 6.87 -5.41
CA PHE A 224 -3.12 7.76 -6.33
C PHE A 224 -4.57 7.92 -5.88
N PRO A 225 -5.14 9.12 -6.05
CA PRO A 225 -6.52 9.38 -5.66
C PRO A 225 -7.45 8.64 -6.63
N PRO A 226 -8.62 8.19 -6.15
CA PRO A 226 -9.16 8.30 -4.80
C PRO A 226 -8.77 7.07 -3.98
N GLY A 227 -7.94 6.21 -4.57
CA GLY A 227 -7.51 5.00 -3.89
C GLY A 227 -8.70 4.14 -3.51
N TYR A 228 -9.65 4.02 -4.43
CA TYR A 228 -10.85 3.24 -4.19
C TYR A 228 -10.80 1.95 -5.01
N LEU A 229 -10.34 0.88 -4.37
CA LEU A 229 -10.21 -0.42 -5.03
C LEU A 229 -11.53 -0.98 -5.56
N SER A 230 -11.62 -1.08 -6.88
CA SER A 230 -12.81 -1.60 -7.55
C SER A 230 -12.55 -1.72 -9.05
N LEU A 231 -12.52 -2.96 -9.53
CA LEU A 231 -12.29 -3.20 -10.95
C LEU A 231 -13.45 -2.56 -11.73
N GLU A 232 -14.64 -2.63 -11.15
CA GLU A 232 -15.82 -2.04 -11.76
C GLU A 232 -15.62 -0.53 -11.94
N ALA A 233 -15.06 0.12 -10.92
CA ALA A 233 -14.82 1.56 -10.98
C ALA A 233 -13.75 1.87 -12.03
N ALA A 234 -12.72 1.02 -12.10
CA ALA A 234 -11.65 1.19 -13.06
C ALA A 234 -12.20 1.19 -14.48
N ASP A 235 -13.03 0.21 -14.81
CA ASP A 235 -13.57 0.14 -16.16
C ASP A 235 -14.46 1.33 -16.50
N LYS A 236 -15.22 1.78 -15.52
CA LYS A 236 -16.12 2.92 -15.70
C LYS A 236 -15.27 4.16 -16.01
N ALA A 237 -14.25 4.40 -15.18
CA ALA A 237 -13.37 5.55 -15.37
C ALA A 237 -12.70 5.48 -16.75
N ARG A 238 -12.24 4.30 -17.11
CA ARG A 238 -11.59 4.11 -18.40
C ARG A 238 -12.58 4.46 -19.51
N ARG A 239 -13.81 3.96 -19.38
CA ARG A 239 -14.84 4.23 -20.38
C ARG A 239 -15.08 5.71 -20.57
N ASN A 240 -15.26 6.45 -19.47
CA ASN A 240 -15.51 7.86 -19.59
C ASN A 240 -14.28 8.63 -20.07
N MET A 241 -13.10 8.12 -19.80
CA MET A 241 -11.91 8.80 -20.25
C MET A 241 -11.74 8.65 -21.75
N ILE A 242 -12.16 7.50 -22.26
CA ILE A 242 -12.09 7.25 -23.68
C ILE A 242 -13.06 8.21 -24.37
N GLN A 243 -14.24 8.38 -23.79
CA GLN A 243 -15.25 9.27 -24.34
C GLN A 243 -14.76 10.71 -24.24
N ALA A 244 -14.22 11.07 -23.08
CA ALA A 244 -13.72 12.41 -22.85
C ALA A 244 -12.70 12.76 -23.94
N HIS A 245 -11.84 11.82 -24.30
CA HIS A 245 -10.85 12.05 -25.34
C HIS A 245 -11.52 12.33 -26.69
N ALA A 246 -12.43 11.44 -27.10
CA ALA A 246 -13.11 11.57 -28.38
C ALA A 246 -13.84 12.90 -28.46
N ARG A 247 -14.54 13.26 -27.40
CA ARG A 247 -15.28 14.52 -27.36
C ARG A 247 -14.33 15.72 -27.36
N ALA A 248 -13.22 15.59 -26.63
CA ALA A 248 -12.25 16.67 -26.59
C ALA A 248 -11.67 16.88 -28.00
N TYR A 249 -11.43 15.76 -28.67
CA TYR A 249 -10.89 15.79 -30.02
C TYR A 249 -11.82 16.59 -30.93
N ASP A 250 -13.11 16.24 -30.92
CA ASP A 250 -14.07 16.94 -31.76
C ASP A 250 -14.07 18.44 -31.51
N ASN A 251 -14.10 18.82 -30.23
CA ASN A 251 -14.13 20.22 -29.85
C ASN A 251 -12.86 21.03 -30.07
N ILE A 252 -11.71 20.35 -30.14
CA ILE A 252 -10.47 21.07 -30.38
C ILE A 252 -10.44 21.38 -31.87
N LYS A 253 -10.81 20.38 -32.65
CA LYS A 253 -10.85 20.49 -34.11
C LYS A 253 -11.73 21.62 -34.59
N ARG A 254 -12.74 21.95 -33.81
CA ARG A 254 -13.66 23.02 -34.16
C ARG A 254 -12.97 24.38 -34.11
N PHE A 255 -11.99 24.54 -33.22
CA PHE A 255 -11.29 25.80 -33.10
C PHE A 255 -9.83 25.75 -33.54
N SER A 256 -9.34 24.54 -33.81
CA SER A 256 -7.96 24.37 -34.22
C SER A 256 -7.84 23.18 -35.16
N LYS A 257 -7.34 23.42 -36.35
CA LYS A 257 -7.22 22.35 -37.34
C LYS A 257 -5.89 21.61 -37.21
N LYS A 258 -5.20 21.85 -36.11
CA LYS A 258 -3.91 21.22 -35.87
C LYS A 258 -4.05 19.75 -35.43
N PRO A 259 -2.98 18.96 -35.58
CA PRO A 259 -3.07 17.55 -35.17
C PRO A 259 -3.45 17.36 -33.71
N VAL A 260 -4.40 16.47 -33.47
CA VAL A 260 -4.82 16.19 -32.11
C VAL A 260 -4.60 14.72 -31.82
N GLY A 261 -3.84 14.46 -30.76
CA GLY A 261 -3.55 13.09 -30.41
C GLY A 261 -3.72 12.79 -28.94
N LEU A 262 -2.93 11.82 -28.49
CA LEU A 262 -2.98 11.35 -27.11
C LEU A 262 -1.61 10.81 -26.69
N ILE A 263 -1.20 11.13 -25.47
CA ILE A 263 0.06 10.65 -24.91
C ILE A 263 -0.33 9.44 -24.07
N TYR A 264 0.39 8.33 -24.22
CA TYR A 264 0.02 7.11 -23.50
C TYR A 264 1.20 6.40 -22.84
N ALA A 265 0.92 5.74 -21.72
CA ALA A 265 1.96 4.99 -21.01
C ALA A 265 2.09 3.56 -21.53
N PHE A 266 3.14 3.27 -22.28
CA PHE A 266 3.34 1.93 -22.80
C PHE A 266 4.49 1.15 -22.16
N GLN A 267 4.17 0.02 -21.57
CA GLN A 267 5.22 -0.83 -21.01
C GLN A 267 5.44 -1.84 -22.13
N TRP A 268 6.67 -2.33 -22.29
CA TRP A 268 6.90 -3.32 -23.33
C TRP A 268 6.68 -4.71 -22.73
N PHE A 269 5.56 -5.34 -23.08
CA PHE A 269 5.23 -6.68 -22.59
C PHE A 269 6.13 -7.77 -23.18
N GLU A 270 6.41 -8.78 -22.36
CA GLU A 270 7.26 -9.90 -22.76
C GLU A 270 6.96 -11.16 -21.95
N LEU A 271 7.31 -12.33 -22.48
CA LEU A 271 7.07 -13.58 -21.75
C LEU A 271 8.10 -14.71 -21.94
N LEU A 272 7.64 -15.95 -21.77
CA LEU A 272 8.47 -17.16 -21.87
C LEU A 272 9.11 -17.37 -23.25
N GLU A 273 9.45 -18.63 -23.53
CA GLU A 273 10.04 -19.03 -24.80
C GLU A 273 8.97 -18.85 -25.86
N GLY A 274 8.37 -19.96 -26.27
CA GLY A 274 7.31 -19.94 -27.27
C GLY A 274 6.03 -20.48 -26.64
N PRO A 275 5.59 -19.88 -25.52
CA PRO A 275 4.37 -20.30 -24.81
C PRO A 275 3.11 -20.31 -25.66
N ALA A 276 2.78 -19.17 -26.26
CA ALA A 276 1.58 -19.08 -27.10
C ALA A 276 1.32 -17.68 -27.66
N GLU A 277 0.18 -17.55 -28.32
CA GLU A 277 -0.25 -16.29 -28.92
C GLU A 277 -1.40 -15.77 -28.06
N VAL A 278 -1.62 -16.43 -26.93
CA VAL A 278 -2.65 -16.05 -25.99
C VAL A 278 -2.21 -14.74 -25.37
N PHE A 279 -0.91 -14.45 -25.51
CA PHE A 279 -0.31 -13.24 -24.97
C PHE A 279 -0.79 -12.05 -25.79
N ASP A 280 -0.77 -12.20 -27.11
CA ASP A 280 -1.21 -11.14 -28.02
C ASP A 280 -2.59 -10.63 -27.58
N LYS A 281 -3.49 -11.55 -27.30
CA LYS A 281 -4.84 -11.17 -26.86
C LYS A 281 -4.69 -10.42 -25.55
N PHE A 282 -3.84 -10.97 -24.68
CA PHE A 282 -3.58 -10.36 -23.38
C PHE A 282 -3.17 -8.89 -23.58
N LYS A 283 -2.19 -8.68 -24.46
CA LYS A 283 -1.71 -7.33 -24.74
C LYS A 283 -2.83 -6.45 -25.32
N SER A 284 -3.63 -7.01 -26.22
CA SER A 284 -4.72 -6.27 -26.81
C SER A 284 -5.75 -5.85 -25.77
N SER A 285 -5.96 -6.71 -24.79
CA SER A 285 -6.93 -6.43 -23.74
C SER A 285 -6.47 -5.44 -22.68
N LYS A 286 -5.18 -5.44 -22.34
CA LYS A 286 -4.70 -4.54 -21.32
C LYS A 286 -3.79 -3.41 -21.77
N LEU A 287 -2.87 -3.70 -22.69
CA LEU A 287 -1.94 -2.68 -23.14
C LEU A 287 -2.46 -1.81 -24.29
N TYR A 288 -3.01 -2.44 -25.33
CA TYR A 288 -3.49 -1.69 -26.49
C TYR A 288 -4.97 -1.34 -26.50
N TYR A 289 -5.68 -1.73 -25.44
CA TYR A 289 -7.09 -1.38 -25.34
C TYR A 289 -7.07 0.08 -24.86
N PHE A 290 -7.73 0.94 -25.63
CA PHE A 290 -7.84 2.38 -25.36
C PHE A 290 -7.38 3.03 -26.62
N THR A 291 -6.13 2.77 -26.99
CA THR A 291 -5.62 3.36 -28.22
C THR A 291 -6.25 2.65 -29.42
N ASP A 292 -6.70 1.40 -29.21
CA ASP A 292 -7.39 0.66 -30.27
C ASP A 292 -8.74 1.33 -30.51
N ILE A 293 -9.46 1.58 -29.41
CA ILE A 293 -10.78 2.19 -29.49
C ILE A 293 -10.78 3.59 -30.08
N VAL A 294 -9.84 4.43 -29.64
CA VAL A 294 -9.77 5.80 -30.13
C VAL A 294 -9.23 5.91 -31.55
N SER A 295 -8.84 4.80 -32.14
CA SER A 295 -8.32 4.81 -33.51
C SER A 295 -9.15 3.95 -34.46
N LYS A 296 -9.48 2.73 -34.03
CA LYS A 296 -10.25 1.78 -34.85
C LYS A 296 -11.73 1.79 -34.48
N GLY A 297 -12.04 2.28 -33.29
CA GLY A 297 -13.42 2.30 -32.84
C GLY A 297 -13.88 0.97 -32.27
N SER A 298 -12.92 0.10 -31.97
CA SER A 298 -13.21 -1.23 -31.42
C SER A 298 -11.96 -1.94 -30.87
N SER A 299 -12.17 -3.07 -30.22
CA SER A 299 -11.06 -3.85 -29.64
C SER A 299 -11.24 -5.35 -29.85
N ILE A 300 -10.44 -6.14 -29.14
CA ILE A 300 -10.49 -7.59 -29.26
C ILE A 300 -11.79 -8.26 -28.81
N ILE A 301 -12.20 -9.26 -29.58
CA ILE A 301 -13.43 -10.01 -29.36
C ILE A 301 -14.49 -9.09 -28.76
N ASN A 302 -15.02 -8.24 -29.63
CA ASN A 302 -16.04 -7.28 -29.26
C ASN A 302 -16.38 -6.53 -30.54
N VAL A 303 -17.20 -7.18 -31.38
CA VAL A 303 -17.63 -6.63 -32.65
C VAL A 303 -17.87 -5.13 -32.62
N GLU A 304 -18.52 -4.66 -31.56
CA GLU A 304 -18.84 -3.25 -31.37
C GLU A 304 -17.89 -2.32 -32.10
N TYR A 305 -18.46 -1.42 -32.89
CA TYR A 305 -17.69 -0.43 -33.63
C TYR A 305 -18.31 0.92 -33.34
N ARG A 306 -17.59 1.78 -32.65
CA ARG A 306 -18.12 3.11 -32.36
C ARG A 306 -17.47 4.18 -33.19
N ARG A 307 -18.24 4.72 -34.13
CA ARG A 307 -17.80 5.78 -35.02
C ARG A 307 -17.44 7.07 -34.30
N ASP A 308 -18.11 7.34 -33.17
CA ASP A 308 -17.83 8.55 -32.42
C ASP A 308 -16.51 8.49 -31.65
N LEU A 309 -15.91 7.30 -31.62
CA LEU A 309 -14.63 7.14 -30.92
C LEU A 309 -13.48 6.90 -31.90
N ALA A 310 -13.78 6.26 -33.03
CA ALA A 310 -12.76 5.94 -34.03
C ALA A 310 -12.22 7.18 -34.73
N ASN A 311 -11.09 7.01 -35.41
CA ASN A 311 -10.47 8.10 -36.16
C ASN A 311 -10.20 9.35 -35.32
N ARG A 312 -9.77 9.17 -34.09
CA ARG A 312 -9.50 10.32 -33.24
C ARG A 312 -8.13 10.19 -32.60
N LEU A 313 -7.15 9.90 -33.45
CA LEU A 313 -5.75 9.73 -33.05
C LEU A 313 -4.86 10.18 -34.21
N ASP A 314 -4.64 11.48 -34.34
CA ASP A 314 -3.81 11.97 -35.45
C ASP A 314 -2.36 11.58 -35.28
N TRP A 315 -1.90 11.51 -34.03
CA TRP A 315 -0.53 11.12 -33.71
C TRP A 315 -0.58 10.47 -32.33
N LEU A 316 0.43 9.67 -32.01
CA LEU A 316 0.45 8.98 -30.74
C LEU A 316 1.69 9.34 -29.92
N GLY A 317 1.46 9.82 -28.70
CA GLY A 317 2.58 10.15 -27.82
C GLY A 317 2.97 8.89 -27.07
N VAL A 318 4.26 8.54 -27.12
CA VAL A 318 4.74 7.35 -26.45
C VAL A 318 5.59 7.62 -25.21
N ASN A 319 5.08 7.22 -24.05
CA ASN A 319 5.82 7.37 -22.80
C ASN A 319 6.39 5.99 -22.48
N TYR A 320 7.70 5.86 -22.59
CA TYR A 320 8.38 4.59 -22.34
C TYR A 320 9.46 4.71 -21.28
N TYR A 321 9.46 3.77 -20.34
CA TYR A 321 10.42 3.73 -19.26
C TYR A 321 11.07 2.35 -19.08
N SER A 322 10.25 1.31 -19.19
CA SER A 322 10.75 -0.05 -19.00
C SER A 322 9.77 -1.07 -19.54
N ARG A 323 9.96 -2.33 -19.16
CA ARG A 323 9.09 -3.41 -19.60
C ARG A 323 8.37 -4.14 -18.48
N LEU A 324 7.59 -5.13 -18.87
CA LEU A 324 6.84 -5.98 -17.97
C LEU A 324 6.96 -7.39 -18.56
N VAL A 325 7.41 -8.34 -17.75
CA VAL A 325 7.59 -9.70 -18.22
C VAL A 325 6.61 -10.65 -17.55
N TYR A 326 6.00 -11.50 -18.35
CA TYR A 326 5.03 -12.48 -17.86
C TYR A 326 5.43 -13.94 -18.08
N LYS A 327 4.65 -14.83 -17.46
CA LYS A 327 4.89 -16.26 -17.55
C LYS A 327 3.56 -16.99 -17.69
N ILE A 328 3.62 -18.23 -18.20
CA ILE A 328 2.45 -19.08 -18.37
C ILE A 328 1.42 -18.62 -19.40
N VAL A 329 0.83 -19.59 -20.10
CA VAL A 329 -0.20 -19.36 -21.10
C VAL A 329 -1.58 -19.59 -20.47
N ASP A 330 -1.97 -20.86 -20.33
CA ASP A 330 -3.27 -21.20 -19.76
C ASP A 330 -4.31 -20.24 -20.32
N ASP A 331 -4.67 -19.27 -19.49
CA ASP A 331 -5.64 -18.23 -19.82
C ASP A 331 -5.27 -17.05 -18.95
N LYS A 332 -4.19 -17.20 -18.18
CA LYS A 332 -3.75 -16.15 -17.27
C LYS A 332 -2.23 -15.96 -17.17
N PRO A 333 -1.64 -15.14 -18.07
CA PRO A 333 -0.19 -14.94 -17.95
C PRO A 333 0.04 -14.18 -16.65
N ILE A 334 1.15 -14.47 -15.97
CA ILE A 334 1.45 -13.80 -14.70
C ILE A 334 2.76 -13.02 -14.70
N ILE A 335 2.77 -11.89 -13.99
CA ILE A 335 3.94 -11.01 -13.89
C ILE A 335 5.10 -11.56 -13.07
N LEU A 336 6.29 -11.51 -13.66
CA LEU A 336 7.50 -11.97 -12.99
C LEU A 336 8.22 -10.80 -12.32
N HIS A 337 8.27 -10.80 -11.00
CA HIS A 337 8.97 -9.73 -10.29
C HIS A 337 10.45 -9.85 -10.63
N GLY A 338 11.21 -8.78 -10.38
CA GLY A 338 12.63 -8.80 -10.68
C GLY A 338 12.91 -8.35 -12.10
N TYR A 339 11.85 -8.07 -12.85
CA TYR A 339 11.95 -7.62 -14.24
C TYR A 339 11.24 -6.27 -14.44
N GLY A 340 11.76 -5.48 -15.38
CA GLY A 340 11.16 -4.18 -15.68
C GLY A 340 10.89 -3.28 -14.48
N PHE A 341 9.63 -2.92 -14.32
CA PHE A 341 9.20 -2.04 -13.23
C PHE A 341 9.20 -2.71 -11.86
N LEU A 342 9.38 -4.03 -11.84
CA LEU A 342 9.34 -4.75 -10.57
C LEU A 342 10.71 -5.12 -10.01
N CYS A 343 11.70 -4.28 -10.27
CA CYS A 343 13.04 -4.51 -9.75
C CYS A 343 13.29 -3.72 -8.47
N THR A 344 14.45 -3.92 -7.86
CA THR A 344 14.78 -3.23 -6.62
C THR A 344 15.61 -2.00 -6.94
N PRO A 345 15.39 -0.91 -6.20
CA PRO A 345 16.12 0.34 -6.40
C PRO A 345 17.63 0.13 -6.43
N GLY A 346 18.25 0.53 -7.54
CA GLY A 346 19.69 0.38 -7.68
C GLY A 346 20.18 -1.04 -7.93
N GLY A 347 19.26 -2.00 -7.98
CA GLY A 347 19.65 -3.39 -8.20
C GLY A 347 20.00 -3.75 -9.63
N ILE A 348 19.98 -5.04 -9.92
CA ILE A 348 20.29 -5.54 -11.26
C ILE A 348 19.25 -6.60 -11.58
N SER A 349 18.74 -6.61 -12.80
CA SER A 349 17.73 -7.59 -13.18
C SER A 349 18.39 -8.92 -13.54
N PRO A 350 17.58 -10.00 -13.58
CA PRO A 350 18.08 -11.33 -13.93
C PRO A 350 18.77 -11.34 -15.29
N ALA A 351 18.63 -10.24 -16.03
CA ALA A 351 19.25 -10.13 -17.35
C ALA A 351 20.48 -9.22 -17.33
N GLU A 352 21.02 -8.99 -16.15
CA GLU A 352 22.22 -8.16 -16.00
C GLU A 352 22.01 -6.69 -16.34
N ASN A 353 20.77 -6.21 -16.26
CA ASN A 353 20.50 -4.81 -16.54
C ASN A 353 20.37 -4.00 -15.25
N PRO A 354 20.93 -2.78 -15.24
CA PRO A 354 20.88 -1.89 -14.07
C PRO A 354 19.46 -1.43 -13.82
N CYS A 355 19.13 -1.11 -12.57
CA CYS A 355 17.80 -0.64 -12.22
C CYS A 355 17.84 0.75 -11.59
N SER A 356 16.87 1.59 -11.97
CA SER A 356 16.79 2.97 -11.47
C SER A 356 16.47 3.09 -10.00
N ASP A 357 16.46 4.32 -9.50
CA ASP A 357 16.14 4.59 -8.11
C ASP A 357 14.69 4.17 -7.82
N PHE A 358 13.90 4.10 -8.88
CA PHE A 358 12.50 3.72 -8.76
C PHE A 358 12.42 2.20 -8.77
N GLY A 359 13.53 1.56 -9.11
CA GLY A 359 13.55 0.11 -9.18
C GLY A 359 13.05 -0.34 -10.53
N TRP A 360 13.24 0.48 -11.57
CA TRP A 360 12.81 0.13 -12.92
C TRP A 360 14.00 -0.26 -13.78
N GLU A 361 13.92 -1.44 -14.39
CA GLU A 361 15.00 -1.95 -15.23
C GLU A 361 15.25 -1.14 -16.50
N VAL A 362 16.52 -0.81 -16.73
CA VAL A 362 16.92 -0.09 -17.93
C VAL A 362 16.87 -1.11 -19.08
N TYR A 363 16.05 -0.83 -20.08
CA TYR A 363 15.87 -1.77 -21.19
C TYR A 363 15.56 -1.03 -22.49
N PRO A 364 16.53 -0.29 -23.04
CA PRO A 364 16.37 0.47 -24.28
C PRO A 364 15.79 -0.28 -25.49
N GLU A 365 16.14 -1.56 -25.64
CA GLU A 365 15.62 -2.33 -26.75
C GLU A 365 14.09 -2.32 -26.81
N GLY A 366 13.46 -2.26 -25.63
CA GLY A 366 12.01 -2.23 -25.57
C GLY A 366 11.42 -1.07 -26.33
N LEU A 367 12.08 0.09 -26.27
CA LEU A 367 11.57 1.25 -26.97
C LEU A 367 11.57 0.97 -28.48
N TYR A 368 12.66 0.37 -28.96
CA TYR A 368 12.77 0.02 -30.36
C TYR A 368 11.63 -0.90 -30.77
N LEU A 369 11.48 -2.00 -30.03
CA LEU A 369 10.43 -2.97 -30.33
C LEU A 369 9.03 -2.37 -30.20
N LEU A 370 8.86 -1.49 -29.24
CA LEU A 370 7.57 -0.84 -28.99
C LEU A 370 7.17 0.03 -30.18
N LEU A 371 8.12 0.84 -30.65
CA LEU A 371 7.85 1.74 -31.77
C LEU A 371 7.45 0.98 -33.03
N LYS A 372 8.20 -0.05 -33.40
CA LYS A 372 7.86 -0.83 -34.58
C LYS A 372 6.47 -1.41 -34.43
N GLU A 373 6.20 -2.05 -33.30
CA GLU A 373 4.91 -2.65 -33.08
C GLU A 373 3.76 -1.64 -33.11
N LEU A 374 3.97 -0.46 -32.53
CA LEU A 374 2.92 0.57 -32.53
C LEU A 374 2.60 1.01 -33.95
N TYR A 375 3.63 1.25 -34.73
CA TYR A 375 3.42 1.68 -36.10
C TYR A 375 2.70 0.62 -36.92
N ASN A 376 3.08 -0.65 -36.77
CA ASN A 376 2.41 -1.67 -37.53
C ASN A 376 0.97 -1.81 -37.07
N ARG A 377 0.72 -1.54 -35.80
CA ARG A 377 -0.63 -1.65 -35.26
C ARG A 377 -1.51 -0.47 -35.64
N TYR A 378 -0.98 0.75 -35.54
CA TYR A 378 -1.76 1.95 -35.82
C TYR A 378 -1.38 2.74 -37.07
N GLY A 379 -0.15 2.61 -37.52
CA GLY A 379 0.28 3.33 -38.70
C GLY A 379 0.24 4.83 -38.58
N VAL A 380 0.20 5.32 -37.34
CA VAL A 380 0.14 6.76 -37.10
C VAL A 380 1.50 7.34 -36.72
N ASP A 381 1.68 8.64 -36.91
CA ASP A 381 2.91 9.30 -36.50
C ASP A 381 3.10 9.12 -34.99
N LEU A 382 4.34 8.89 -34.60
CA LEU A 382 4.67 8.66 -33.20
C LEU A 382 5.70 9.63 -32.70
N ILE A 383 5.59 9.97 -31.42
CA ILE A 383 6.54 10.86 -30.79
C ILE A 383 6.81 10.32 -29.40
N VAL A 384 8.08 10.11 -29.06
CA VAL A 384 8.42 9.66 -27.73
C VAL A 384 8.23 10.88 -26.84
N THR A 385 7.06 10.99 -26.22
CA THR A 385 6.72 12.13 -25.38
C THR A 385 7.30 12.05 -23.98
N GLU A 386 7.77 10.87 -23.60
CA GLU A 386 8.39 10.66 -22.29
C GLU A 386 9.36 9.49 -22.28
N ASN A 387 10.53 9.73 -21.70
CA ASN A 387 11.57 8.73 -21.54
C ASN A 387 12.64 9.31 -20.63
N GLY A 388 12.87 8.64 -19.51
CA GLY A 388 13.87 9.11 -18.58
C GLY A 388 14.11 8.09 -17.48
N VAL A 389 14.85 8.49 -16.46
CA VAL A 389 15.15 7.55 -15.40
C VAL A 389 15.38 8.22 -14.05
N SER A 390 14.82 7.63 -13.01
CA SER A 390 14.98 8.14 -11.65
C SER A 390 16.42 7.78 -11.29
N ASP A 391 17.26 8.79 -11.11
CA ASP A 391 18.66 8.58 -10.83
C ASP A 391 19.32 9.86 -10.33
N SER A 392 19.28 10.07 -9.01
CA SER A 392 19.84 11.26 -8.41
C SER A 392 21.35 11.42 -8.55
N ARG A 393 22.06 10.31 -8.70
CA ARG A 393 23.52 10.38 -8.84
C ARG A 393 23.98 10.53 -10.28
N ASP A 394 23.02 10.40 -11.21
CA ASP A 394 23.29 10.50 -12.64
C ASP A 394 24.24 9.38 -13.05
N ALA A 395 24.11 8.24 -12.40
CA ALA A 395 24.93 7.07 -12.67
C ALA A 395 24.37 6.25 -13.83
N LEU A 396 23.15 6.58 -14.25
CA LEU A 396 22.52 5.84 -15.35
C LEU A 396 22.02 6.72 -16.48
N ARG A 397 21.54 7.90 -16.14
CA ARG A 397 20.98 8.81 -17.13
C ARG A 397 21.79 9.00 -18.41
N PRO A 398 23.11 9.25 -18.30
CA PRO A 398 23.88 9.44 -19.53
C PRO A 398 23.72 8.30 -20.53
N ALA A 399 23.93 7.07 -20.05
CA ALA A 399 23.79 5.90 -20.91
C ALA A 399 22.34 5.64 -21.27
N TYR A 400 21.44 5.90 -20.33
CA TYR A 400 20.02 5.67 -20.54
C TYR A 400 19.55 6.58 -21.66
N LEU A 401 20.04 7.82 -21.65
CA LEU A 401 19.67 8.80 -22.67
C LEU A 401 20.14 8.37 -24.07
N VAL A 402 21.42 8.05 -24.20
CA VAL A 402 21.97 7.65 -25.49
C VAL A 402 21.35 6.33 -26.01
N SER A 403 21.11 5.40 -25.10
CA SER A 403 20.50 4.12 -25.46
C SER A 403 19.15 4.29 -26.13
N HIS A 404 18.26 4.99 -25.44
CA HIS A 404 16.91 5.19 -25.97
C HIS A 404 16.85 6.10 -27.19
N VAL A 405 17.71 7.10 -27.26
CA VAL A 405 17.73 7.97 -28.42
C VAL A 405 18.16 7.09 -29.61
N TYR A 406 19.02 6.12 -29.32
CA TYR A 406 19.48 5.21 -30.36
C TYR A 406 18.33 4.36 -30.85
N SER A 407 17.57 3.78 -29.92
CA SER A 407 16.43 2.95 -30.30
C SER A 407 15.50 3.76 -31.19
N VAL A 408 15.36 5.05 -30.90
CA VAL A 408 14.50 5.88 -31.71
C VAL A 408 15.12 6.06 -33.09
N TRP A 409 16.42 6.33 -33.14
CA TRP A 409 17.11 6.48 -34.42
C TRP A 409 16.93 5.21 -35.25
N LYS A 410 17.22 4.08 -34.63
CA LYS A 410 17.11 2.78 -35.29
C LYS A 410 15.71 2.63 -35.91
N ALA A 411 14.68 3.05 -35.18
CA ALA A 411 13.31 2.95 -35.69
C ALA A 411 13.07 3.90 -36.86
N ALA A 412 13.58 5.13 -36.74
CA ALA A 412 13.41 6.12 -37.80
C ALA A 412 14.19 5.68 -39.02
N ASN A 413 15.40 5.19 -38.79
CA ASN A 413 16.27 4.75 -39.88
C ASN A 413 15.62 3.62 -40.67
N GLU A 414 14.71 2.89 -40.03
CA GLU A 414 13.99 1.79 -40.68
C GLU A 414 12.64 2.23 -41.24
N GLY A 415 12.43 3.53 -41.32
CA GLY A 415 11.19 4.05 -41.87
C GLY A 415 10.06 4.39 -40.92
N ILE A 416 10.16 4.00 -39.64
CA ILE A 416 9.08 4.32 -38.71
C ILE A 416 9.02 5.82 -38.49
N PRO A 417 7.86 6.41 -38.75
CA PRO A 417 7.62 7.85 -38.59
C PRO A 417 7.59 8.39 -37.15
N VAL A 418 8.72 8.26 -36.44
CA VAL A 418 8.79 8.79 -35.09
C VAL A 418 9.27 10.22 -35.30
N LYS A 419 8.42 11.18 -34.96
CA LYS A 419 8.72 12.59 -35.17
C LYS A 419 9.56 13.34 -34.15
N GLY A 420 9.91 12.70 -33.05
CA GLY A 420 10.72 13.39 -32.07
C GLY A 420 10.93 12.62 -30.78
N TYR A 421 11.87 13.11 -29.97
CA TYR A 421 12.18 12.49 -28.70
C TYR A 421 12.20 13.56 -27.62
N LEU A 422 11.32 13.39 -26.63
CA LEU A 422 11.20 14.32 -25.52
C LEU A 422 11.57 13.59 -24.23
N HIS A 423 12.65 14.03 -23.59
CA HIS A 423 13.15 13.42 -22.37
C HIS A 423 12.25 13.77 -21.20
N TRP A 424 12.03 12.82 -20.28
CA TRP A 424 11.19 13.23 -19.19
C TRP A 424 11.94 14.16 -18.25
N SER A 425 11.49 15.40 -18.30
CA SER A 425 11.99 16.46 -17.48
C SER A 425 13.43 16.89 -17.66
N LEU A 426 13.55 18.20 -17.78
CA LEU A 426 14.79 18.92 -17.89
C LEU A 426 15.31 18.98 -16.46
N THR A 427 14.37 19.17 -15.52
CA THR A 427 14.70 19.30 -14.10
C THR A 427 13.96 18.28 -13.21
N ASP A 428 14.45 18.10 -11.99
CA ASP A 428 13.78 17.20 -11.07
C ASP A 428 12.45 17.87 -10.79
N ASN A 429 11.50 17.09 -10.29
CA ASN A 429 10.18 17.61 -9.98
C ASN A 429 9.49 16.77 -8.91
N TYR A 430 8.21 17.07 -8.68
CA TYR A 430 7.42 16.36 -7.68
C TYR A 430 6.93 15.06 -8.31
N GLU A 431 7.49 13.93 -7.87
CA GLU A 431 7.08 12.64 -8.43
C GLU A 431 5.84 12.09 -7.72
N TRP A 432 4.73 12.79 -7.89
CA TRP A 432 3.45 12.41 -7.33
C TRP A 432 3.46 11.87 -5.90
N ALA A 433 2.95 10.66 -5.71
CA ALA A 433 2.88 10.06 -4.38
C ALA A 433 4.27 9.76 -3.80
N GLN A 434 5.26 9.70 -4.68
CA GLN A 434 6.62 9.38 -4.31
C GLN A 434 7.37 10.62 -3.79
N GLY A 435 6.80 11.79 -4.03
CA GLY A 435 7.44 13.01 -3.58
C GLY A 435 8.68 13.42 -4.38
N PHE A 436 9.64 14.03 -3.70
CA PHE A 436 10.86 14.48 -4.35
C PHE A 436 12.00 13.47 -4.36
N ARG A 437 11.85 12.34 -3.69
CA ARG A 437 12.92 11.35 -3.67
C ARG A 437 13.23 10.68 -4.99
N GLN A 438 12.38 10.90 -5.98
CA GLN A 438 12.60 10.30 -7.27
C GLN A 438 13.03 11.46 -8.18
N LYS A 439 14.30 11.48 -8.58
CA LYS A 439 14.83 12.56 -9.43
C LYS A 439 15.04 12.16 -10.89
N PHE A 440 14.24 12.72 -11.79
CA PHE A 440 14.35 12.43 -13.22
C PHE A 440 15.06 13.49 -14.07
N GLY A 441 15.35 14.65 -13.48
CA GLY A 441 15.97 15.71 -14.24
C GLY A 441 17.35 15.48 -14.85
N LEU A 442 17.60 16.19 -15.96
CA LEU A 442 18.90 16.16 -16.62
C LEU A 442 19.62 17.22 -15.80
N VAL A 443 18.81 18.06 -15.16
CA VAL A 443 19.27 19.15 -14.32
C VAL A 443 18.73 18.97 -12.89
N MET A 444 19.65 18.90 -11.94
CA MET A 444 19.30 18.73 -10.54
C MET A 444 18.74 20.05 -9.98
N VAL A 445 17.75 19.94 -9.10
CA VAL A 445 17.16 21.13 -8.50
C VAL A 445 17.18 21.05 -6.99
N ASP A 446 17.78 22.05 -6.37
CA ASP A 446 17.83 22.16 -4.92
C ASP A 446 16.48 22.78 -4.59
N PHE A 447 15.52 21.98 -4.13
CA PHE A 447 14.19 22.51 -3.81
C PHE A 447 14.12 23.50 -2.67
N LYS A 448 15.23 23.67 -1.96
CA LYS A 448 15.26 24.65 -0.87
C LYS A 448 15.53 26.03 -1.48
N THR A 449 16.58 26.12 -2.28
CA THR A 449 16.95 27.39 -2.93
C THR A 449 16.31 27.58 -4.31
N LYS A 450 15.86 26.48 -4.92
CA LYS A 450 15.25 26.49 -6.25
C LYS A 450 16.27 26.61 -7.36
N LYS A 451 17.55 26.50 -7.03
CA LYS A 451 18.61 26.59 -8.02
C LYS A 451 18.75 25.33 -8.89
N ARG A 452 19.09 25.55 -10.16
CA ARG A 452 19.25 24.45 -11.10
C ARG A 452 20.72 24.14 -11.30
N TYR A 453 21.05 22.85 -11.25
CA TYR A 453 22.40 22.38 -11.42
C TYR A 453 22.46 21.36 -12.54
N LEU A 454 23.40 21.54 -13.46
CA LEU A 454 23.52 20.61 -14.57
C LEU A 454 24.15 19.30 -14.14
N ARG A 455 23.50 18.19 -14.50
CA ARG A 455 24.06 16.89 -14.23
C ARG A 455 24.81 16.60 -15.53
N PRO A 456 25.85 15.78 -15.48
CA PRO A 456 26.59 15.48 -16.71
C PRO A 456 25.69 15.02 -17.86
N SER A 457 24.61 14.32 -17.53
CA SER A 457 23.70 13.85 -18.58
C SER A 457 23.19 15.04 -19.38
N ALA A 458 23.01 16.19 -18.73
CA ALA A 458 22.54 17.39 -19.41
C ALA A 458 23.52 17.76 -20.54
N LEU A 459 24.82 17.65 -20.25
CA LEU A 459 25.85 17.96 -21.23
C LEU A 459 25.74 16.99 -22.39
N VAL A 460 25.51 15.71 -22.09
CA VAL A 460 25.36 14.69 -23.12
C VAL A 460 24.14 15.03 -24.00
N PHE A 461 23.09 15.52 -23.36
CA PHE A 461 21.88 15.87 -24.07
C PHE A 461 22.18 16.97 -25.08
N ARG A 462 22.91 18.00 -24.63
CA ARG A 462 23.26 19.12 -25.52
C ARG A 462 24.00 18.61 -26.77
N GLU A 463 24.96 17.70 -26.57
CA GLU A 463 25.72 17.15 -27.69
C GLU A 463 24.74 16.50 -28.68
N ILE A 464 23.79 15.72 -28.17
CA ILE A 464 22.81 15.07 -29.04
C ILE A 464 21.89 16.08 -29.74
N ALA A 465 21.36 17.03 -29.00
CA ALA A 465 20.47 18.03 -29.58
C ALA A 465 21.21 18.86 -30.65
N THR A 466 22.43 19.28 -30.33
CA THR A 466 23.24 20.07 -31.23
C THR A 466 23.62 19.32 -32.50
N HIS A 467 23.92 18.04 -32.35
CA HIS A 467 24.30 17.21 -33.48
C HIS A 467 23.06 16.63 -34.15
N ASN A 468 21.90 16.85 -33.53
CA ASN A 468 20.64 16.31 -34.02
C ASN A 468 20.83 14.82 -34.28
N GLY A 469 21.47 14.15 -33.33
CA GLY A 469 21.72 12.73 -33.46
C GLY A 469 22.76 12.31 -32.45
N ILE A 470 23.31 11.12 -32.63
CA ILE A 470 24.32 10.62 -31.73
C ILE A 470 25.69 10.66 -32.39
N PRO A 471 26.54 11.61 -31.98
CA PRO A 471 27.88 11.70 -32.59
C PRO A 471 28.67 10.40 -32.38
N ASP A 472 29.58 10.12 -33.31
CA ASP A 472 30.41 8.93 -33.24
C ASP A 472 31.06 8.82 -31.88
N GLU A 473 31.61 9.94 -31.42
CA GLU A 473 32.29 10.04 -30.13
C GLU A 473 31.47 9.62 -28.91
N LEU A 474 30.17 9.36 -29.11
CA LEU A 474 29.30 8.94 -28.02
C LEU A 474 28.60 7.61 -28.32
N GLN A 475 28.98 6.98 -29.42
CA GLN A 475 28.39 5.70 -29.84
C GLN A 475 28.49 4.56 -28.83
N HIS A 476 29.47 4.62 -27.93
CA HIS A 476 29.64 3.55 -26.96
C HIS A 476 28.49 3.46 -25.98
N LEU A 477 27.76 4.55 -25.79
CA LEU A 477 26.66 4.56 -24.83
C LEU A 477 25.35 4.03 -25.36
N THR A 478 25.38 3.41 -26.52
CA THR A 478 24.16 2.83 -27.09
C THR A 478 24.02 1.43 -26.50
N LEU A 479 24.94 1.08 -25.60
CA LEU A 479 24.99 -0.23 -24.96
C LEU A 479 24.15 -0.42 -23.70
N ILE A 480 24.83 -0.49 -22.55
CA ILE A 480 24.16 -0.68 -21.26
C ILE A 480 24.86 0.11 -20.13
N GLN A 481 24.52 -0.26 -18.89
CA GLN A 481 25.09 0.36 -17.68
C GLN A 481 25.43 -0.67 -16.61
N MET B 1 22.03 -18.77 35.75
CA MET B 1 21.56 -18.51 34.36
C MET B 1 20.45 -19.51 34.08
N LYS B 2 19.62 -19.73 35.09
CA LYS B 2 18.49 -20.64 35.00
C LYS B 2 17.26 -19.89 35.53
N PHE B 3 16.10 -20.27 35.03
CA PHE B 3 14.85 -19.64 35.45
C PHE B 3 14.29 -20.42 36.63
N PRO B 4 13.30 -19.85 37.34
CA PRO B 4 12.69 -20.51 38.48
C PRO B 4 12.10 -21.88 38.10
N LYS B 5 11.80 -22.68 39.12
CA LYS B 5 11.25 -24.01 38.92
C LYS B 5 10.13 -24.10 37.92
N ASP B 6 9.03 -23.42 38.20
CA ASP B 6 7.85 -23.46 37.34
C ASP B 6 7.78 -22.43 36.20
N PHE B 7 8.93 -21.98 35.73
CA PHE B 7 8.97 -21.00 34.64
C PHE B 7 8.47 -21.65 33.35
N MET B 8 7.51 -20.99 32.72
CA MET B 8 6.92 -21.48 31.48
C MET B 8 7.78 -21.21 30.23
N ILE B 9 8.05 -22.28 29.48
CA ILE B 9 8.84 -22.16 28.25
C ILE B 9 8.09 -22.88 27.15
N GLY B 10 7.93 -22.23 26.00
CA GLY B 10 7.21 -22.85 24.92
C GLY B 10 7.03 -21.94 23.72
N TYR B 11 5.83 -21.95 23.15
CA TYR B 11 5.58 -21.12 21.99
C TYR B 11 4.09 -20.78 21.90
N SER B 12 3.76 -19.89 20.97
CA SER B 12 2.38 -19.47 20.74
C SER B 12 1.98 -19.74 19.29
N SER B 13 0.67 -19.79 19.07
CA SER B 13 0.11 -20.00 17.76
C SER B 13 -1.25 -19.33 17.73
N SER B 14 -1.84 -19.28 16.54
CA SER B 14 -3.15 -18.68 16.38
C SER B 14 -3.95 -19.65 15.51
N PRO B 15 -5.28 -19.59 15.60
CA PRO B 15 -6.12 -20.48 14.79
C PRO B 15 -5.93 -20.28 13.29
N PHE B 16 -6.19 -19.06 12.82
CA PHE B 16 -6.10 -18.74 11.40
C PHE B 16 -4.80 -19.10 10.69
N GLN B 17 -3.66 -18.87 11.34
CA GLN B 17 -2.38 -19.12 10.68
C GLN B 17 -1.89 -20.56 10.69
N PHE B 18 -2.52 -21.42 11.47
CA PHE B 18 -2.06 -22.81 11.55
C PHE B 18 -3.06 -23.95 11.30
N GLU B 19 -4.32 -23.74 11.67
CA GLU B 19 -5.32 -24.78 11.55
C GLU B 19 -5.57 -25.40 10.18
N ALA B 20 -5.94 -24.59 9.20
CA ALA B 20 -6.20 -25.12 7.86
C ALA B 20 -4.94 -25.67 7.21
N GLY B 21 -5.12 -26.44 6.14
CA GLY B 21 -4.01 -27.05 5.43
C GLY B 21 -4.42 -28.38 4.82
N ILE B 22 -5.27 -29.11 5.53
CA ILE B 22 -5.78 -30.39 5.05
C ILE B 22 -7.23 -30.14 4.66
N PRO B 23 -7.62 -30.54 3.44
CA PRO B 23 -8.98 -30.35 2.94
C PRO B 23 -10.10 -30.69 3.92
N GLY B 24 -11.02 -29.75 4.08
CA GLY B 24 -12.14 -29.96 4.98
C GLY B 24 -12.01 -29.26 6.32
N SER B 25 -10.85 -28.68 6.61
CA SER B 25 -10.65 -28.00 7.88
C SER B 25 -10.69 -26.48 7.79
N GLU B 26 -10.98 -25.95 6.61
CA GLU B 26 -11.03 -24.51 6.41
C GLU B 26 -12.15 -23.88 7.23
N ASP B 27 -12.02 -22.58 7.50
CA ASP B 27 -13.05 -21.82 8.20
C ASP B 27 -13.37 -20.67 7.25
N PRO B 28 -14.27 -20.89 6.28
CA PRO B 28 -14.69 -19.90 5.29
C PRO B 28 -15.64 -18.85 5.80
N ASN B 29 -15.90 -18.84 7.09
CA ASN B 29 -16.85 -17.89 7.66
C ASN B 29 -16.29 -16.67 8.39
N SER B 30 -15.04 -16.31 8.12
CA SER B 30 -14.46 -15.14 8.79
C SER B 30 -14.12 -14.07 7.77
N ASP B 31 -13.95 -12.84 8.25
CA ASP B 31 -13.60 -11.74 7.36
C ASP B 31 -12.23 -11.97 6.72
N TRP B 32 -11.27 -12.49 7.49
CA TRP B 32 -9.93 -12.76 6.96
C TRP B 32 -9.90 -13.80 5.85
N TRP B 33 -10.77 -14.80 5.96
CA TRP B 33 -10.86 -15.83 4.93
C TRP B 33 -11.29 -15.19 3.60
N VAL B 34 -12.39 -14.45 3.64
CA VAL B 34 -12.86 -13.80 2.42
C VAL B 34 -11.81 -12.82 1.93
N TRP B 35 -11.28 -12.03 2.85
CA TRP B 35 -10.28 -11.01 2.53
C TRP B 35 -9.05 -11.52 1.76
N VAL B 36 -8.47 -12.64 2.19
CA VAL B 36 -7.29 -13.14 1.48
C VAL B 36 -7.62 -13.91 0.21
N HIS B 37 -8.89 -14.23 0.00
CA HIS B 37 -9.28 -14.93 -1.23
C HIS B 37 -9.80 -13.94 -2.28
N ASP B 38 -9.95 -12.68 -1.87
CA ASP B 38 -10.46 -11.64 -2.75
C ASP B 38 -9.58 -11.33 -3.96
N PRO B 39 -10.16 -11.39 -5.17
CA PRO B 39 -9.46 -11.14 -6.43
C PRO B 39 -8.86 -9.73 -6.50
N GLU B 40 -9.64 -8.75 -6.10
CA GLU B 40 -9.16 -7.37 -6.13
C GLU B 40 -8.02 -7.16 -5.13
N ASN B 41 -8.15 -7.67 -3.91
CA ASN B 41 -7.09 -7.51 -2.92
C ASN B 41 -5.81 -8.13 -3.44
N THR B 42 -5.96 -9.27 -4.13
CA THR B 42 -4.82 -9.99 -4.67
C THR B 42 -4.16 -9.22 -5.81
N ALA B 43 -4.97 -8.77 -6.76
CA ALA B 43 -4.46 -8.01 -7.91
C ALA B 43 -3.75 -6.76 -7.42
N ALA B 44 -4.33 -6.11 -6.42
CA ALA B 44 -3.76 -4.90 -5.86
C ALA B 44 -2.49 -5.15 -5.04
N GLY B 45 -2.26 -6.41 -4.69
CA GLY B 45 -1.08 -6.72 -3.90
C GLY B 45 -1.27 -6.45 -2.43
N LEU B 46 -2.52 -6.23 -2.00
CA LEU B 46 -2.80 -6.01 -0.59
C LEU B 46 -2.53 -7.30 0.18
N VAL B 47 -2.86 -8.43 -0.44
CA VAL B 47 -2.62 -9.75 0.14
C VAL B 47 -1.69 -10.44 -0.84
N SER B 48 -0.91 -11.41 -0.34
CA SER B 48 0.07 -12.11 -1.16
C SER B 48 -0.48 -13.02 -2.25
N GLY B 49 -1.62 -13.63 -2.01
CA GLY B 49 -2.16 -14.54 -2.99
C GLY B 49 -2.09 -15.96 -2.43
N ASP B 50 -1.31 -16.15 -1.36
CA ASP B 50 -1.22 -17.46 -0.73
C ASP B 50 -2.52 -17.66 0.06
N PHE B 51 -2.89 -18.91 0.24
CA PHE B 51 -4.11 -19.29 0.93
C PHE B 51 -3.87 -20.07 2.21
N PRO B 52 -4.66 -19.79 3.25
CA PRO B 52 -4.58 -20.43 4.55
C PRO B 52 -4.86 -21.92 4.47
N GLU B 53 -5.67 -22.33 3.49
CA GLU B 53 -6.01 -23.76 3.30
C GLU B 53 -4.76 -24.54 2.92
N ASN B 54 -3.67 -23.85 2.64
CA ASN B 54 -2.43 -24.53 2.25
C ASN B 54 -1.43 -24.41 3.40
N GLY B 55 -1.97 -24.10 4.58
CA GLY B 55 -1.15 -23.96 5.76
C GLY B 55 -0.63 -25.26 6.34
N PRO B 56 -0.06 -25.21 7.56
CA PRO B 56 0.50 -26.37 8.27
C PRO B 56 -0.48 -27.50 8.60
N GLY B 57 -1.78 -27.18 8.68
CA GLY B 57 -2.77 -28.20 8.96
C GLY B 57 -2.83 -28.72 10.39
N TYR B 58 -2.56 -27.84 11.35
CA TYR B 58 -2.58 -28.19 12.77
C TYR B 58 -3.92 -28.80 13.22
N TRP B 59 -4.99 -28.38 12.55
CA TRP B 59 -6.32 -28.86 12.89
C TRP B 59 -6.37 -30.38 12.79
N ASN B 60 -5.55 -30.93 11.91
CA ASN B 60 -5.50 -32.37 11.71
C ASN B 60 -4.23 -33.00 12.27
N LEU B 61 -3.16 -32.21 12.33
CA LEU B 61 -1.86 -32.71 12.79
C LEU B 61 -1.47 -32.34 14.21
N ASN B 62 -2.40 -31.73 14.94
CA ASN B 62 -2.15 -31.28 16.31
C ASN B 62 -1.36 -32.25 17.18
N GLN B 63 -1.75 -33.52 17.15
CA GLN B 63 -1.09 -34.53 17.96
C GLN B 63 0.39 -34.66 17.59
N ASN B 64 0.70 -34.64 16.30
CA ASN B 64 2.09 -34.74 15.87
C ASN B 64 2.90 -33.49 16.25
N ASP B 65 2.28 -32.32 16.21
CA ASP B 65 3.03 -31.12 16.59
C ASP B 65 3.21 -31.05 18.08
N HIS B 66 2.26 -31.60 18.83
CA HIS B 66 2.37 -31.60 20.27
C HIS B 66 3.52 -32.52 20.67
N ASP B 67 3.68 -33.63 19.95
CA ASP B 67 4.78 -34.54 20.27
C ASP B 67 6.11 -33.84 19.94
N LEU B 68 6.14 -33.14 18.82
CA LEU B 68 7.35 -32.44 18.39
C LEU B 68 7.68 -31.43 19.48
N ALA B 69 6.68 -30.67 19.90
CA ALA B 69 6.86 -29.67 20.94
C ALA B 69 7.44 -30.30 22.20
N GLU B 70 6.85 -31.42 22.60
CA GLU B 70 7.30 -32.11 23.80
C GLU B 70 8.73 -32.62 23.61
N LYS B 71 9.04 -33.10 22.42
CA LYS B 71 10.38 -33.59 22.16
C LYS B 71 11.39 -32.45 22.29
N LEU B 72 10.96 -31.22 22.03
CA LEU B 72 11.84 -30.08 22.11
C LEU B 72 11.88 -29.43 23.51
N GLY B 73 11.12 -29.99 24.45
CA GLY B 73 11.10 -29.46 25.80
C GLY B 73 10.04 -28.41 26.07
N VAL B 74 9.09 -28.25 25.15
CA VAL B 74 8.04 -27.26 25.37
C VAL B 74 7.16 -27.71 26.54
N ASN B 75 7.00 -26.86 27.54
CA ASN B 75 6.19 -27.25 28.68
C ASN B 75 4.91 -26.44 28.74
N THR B 76 4.85 -25.38 27.94
CA THR B 76 3.66 -24.53 27.94
C THR B 76 3.36 -23.96 26.55
N ILE B 77 2.08 -23.95 26.19
CA ILE B 77 1.67 -23.42 24.90
C ILE B 77 0.48 -22.48 25.04
N ARG B 78 0.49 -21.42 24.22
CA ARG B 78 -0.61 -20.46 24.22
C ARG B 78 -1.29 -20.57 22.87
N VAL B 79 -2.59 -20.85 22.91
CA VAL B 79 -3.36 -21.02 21.69
C VAL B 79 -4.63 -20.18 21.70
N GLY B 80 -5.35 -20.19 20.58
CA GLY B 80 -6.59 -19.44 20.49
C GLY B 80 -7.75 -20.29 20.01
N VAL B 81 -8.91 -19.66 19.92
CA VAL B 81 -10.14 -20.28 19.45
C VAL B 81 -10.78 -19.28 18.50
N GLU B 82 -11.10 -19.70 17.27
CA GLU B 82 -11.73 -18.81 16.29
C GLU B 82 -13.20 -18.58 16.61
N TRP B 83 -13.55 -17.32 16.82
CA TRP B 83 -14.92 -16.92 17.09
C TRP B 83 -15.82 -17.49 16.01
N SER B 84 -15.40 -17.33 14.75
CA SER B 84 -16.19 -17.81 13.61
C SER B 84 -16.36 -19.33 13.47
N ARG B 85 -15.48 -20.12 14.07
CA ARG B 85 -15.63 -21.57 13.98
C ARG B 85 -16.67 -21.98 15.03
N ILE B 86 -16.67 -21.25 16.16
CA ILE B 86 -17.58 -21.55 17.25
C ILE B 86 -18.99 -21.08 16.93
N PHE B 87 -19.11 -19.86 16.42
CA PHE B 87 -20.40 -19.30 16.07
C PHE B 87 -20.45 -18.84 14.62
N PRO B 88 -20.58 -19.78 13.67
CA PRO B 88 -20.64 -19.47 12.24
C PRO B 88 -21.86 -18.59 11.92
N LYS B 89 -22.92 -18.77 12.70
CA LYS B 89 -24.16 -18.03 12.53
C LYS B 89 -24.23 -16.94 13.59
N PRO B 90 -25.02 -15.89 13.35
CA PRO B 90 -25.19 -14.75 14.27
C PRO B 90 -25.75 -15.12 15.64
N THR B 91 -25.19 -14.51 16.69
CA THR B 91 -25.64 -14.74 18.05
C THR B 91 -26.41 -13.51 18.54
N PHE B 92 -26.64 -12.58 17.62
CA PHE B 92 -27.35 -11.34 17.90
C PHE B 92 -28.66 -11.51 18.65
N ASN B 93 -29.44 -12.53 18.30
CA ASN B 93 -30.74 -12.74 18.92
C ASN B 93 -30.79 -13.23 20.36
N VAL B 94 -29.68 -13.72 20.89
CA VAL B 94 -29.67 -14.16 22.28
C VAL B 94 -29.61 -12.86 23.06
N LYS B 95 -30.78 -12.30 23.34
CA LYS B 95 -30.90 -11.01 24.04
C LYS B 95 -29.84 -10.58 25.05
N VAL B 96 -29.94 -11.04 26.29
CA VAL B 96 -28.95 -10.66 27.31
C VAL B 96 -29.01 -9.18 27.70
N PRO B 97 -29.09 -8.89 29.01
CA PRO B 97 -29.15 -7.53 29.53
C PRO B 97 -27.86 -6.77 29.25
N VAL B 98 -27.99 -5.49 28.90
CA VAL B 98 -26.83 -4.65 28.60
C VAL B 98 -26.99 -3.29 29.27
N GLU B 99 -26.10 -3.00 30.20
CA GLU B 99 -26.12 -1.76 30.97
C GLU B 99 -25.29 -0.70 30.25
N ARG B 100 -25.90 0.47 30.04
CA ARG B 100 -25.20 1.57 29.37
C ARG B 100 -25.22 2.84 30.20
N ASP B 101 -24.05 3.46 30.33
CA ASP B 101 -23.92 4.69 31.11
C ASP B 101 -24.56 5.83 30.33
N GLU B 102 -24.29 7.06 30.77
CA GLU B 102 -24.87 8.24 30.12
C GLU B 102 -24.27 8.52 28.75
N ASN B 103 -23.01 8.16 28.54
CA ASN B 103 -22.36 8.42 27.26
C ASN B 103 -22.49 7.30 26.23
N GLY B 104 -23.26 6.26 26.55
CA GLY B 104 -23.43 5.17 25.62
C GLY B 104 -22.45 4.02 25.80
N SER B 105 -21.52 4.16 26.74
CA SER B 105 -20.54 3.11 27.00
C SER B 105 -21.25 1.88 27.52
N ILE B 106 -20.81 0.71 27.08
CA ILE B 106 -21.40 -0.55 27.52
C ILE B 106 -20.60 -0.99 28.76
N VAL B 107 -21.03 -0.50 29.90
CA VAL B 107 -20.38 -0.79 31.17
C VAL B 107 -20.65 -2.18 31.74
N HIS B 108 -21.64 -2.87 31.21
CA HIS B 108 -21.91 -4.21 31.73
C HIS B 108 -22.75 -5.06 30.80
N VAL B 109 -22.40 -6.33 30.69
CA VAL B 109 -23.13 -7.27 29.86
C VAL B 109 -23.35 -8.52 30.71
N ASP B 110 -24.60 -8.84 30.97
CA ASP B 110 -24.95 -9.99 31.79
C ASP B 110 -25.34 -11.23 30.99
N VAL B 111 -24.45 -12.21 30.97
CA VAL B 111 -24.71 -13.46 30.27
C VAL B 111 -24.83 -14.53 31.36
N ASP B 112 -26.06 -14.96 31.65
CA ASP B 112 -26.29 -15.96 32.70
C ASP B 112 -26.31 -17.39 32.14
N ASP B 113 -26.58 -18.35 33.01
CA ASP B 113 -26.61 -19.75 32.62
C ASP B 113 -27.60 -20.08 31.52
N LYS B 114 -28.76 -19.43 31.53
CA LYS B 114 -29.73 -19.70 30.47
C LYS B 114 -29.18 -19.25 29.13
N ALA B 115 -28.61 -18.05 29.10
CA ALA B 115 -28.03 -17.50 27.87
C ALA B 115 -26.97 -18.46 27.34
N VAL B 116 -26.11 -18.93 28.24
CA VAL B 116 -25.06 -19.86 27.86
C VAL B 116 -25.62 -21.15 27.29
N GLU B 117 -26.65 -21.68 27.92
CA GLU B 117 -27.29 -22.90 27.44
C GLU B 117 -27.85 -22.63 26.06
N ARG B 118 -28.35 -21.41 25.86
CA ARG B 118 -28.91 -21.03 24.58
C ARG B 118 -27.79 -20.92 23.55
N LEU B 119 -26.73 -20.21 23.91
CA LEU B 119 -25.58 -20.05 23.02
C LEU B 119 -25.03 -21.42 22.65
N ASP B 120 -25.06 -22.34 23.59
CA ASP B 120 -24.56 -23.68 23.34
C ASP B 120 -25.40 -24.39 22.28
N GLU B 121 -26.62 -23.90 22.07
CA GLU B 121 -27.50 -24.49 21.07
C GLU B 121 -27.15 -23.95 19.70
N LEU B 122 -26.61 -22.73 19.66
CA LEU B 122 -26.24 -22.12 18.39
C LEU B 122 -24.81 -22.50 17.99
N ALA B 123 -23.98 -22.75 18.99
CA ALA B 123 -22.58 -23.10 18.75
C ALA B 123 -22.40 -24.29 17.81
N ASN B 124 -21.28 -24.31 17.11
CA ASN B 124 -20.96 -25.42 16.23
C ASN B 124 -20.24 -26.47 17.08
N LYS B 125 -21.00 -27.46 17.55
CA LYS B 125 -20.46 -28.50 18.41
C LYS B 125 -19.23 -29.21 17.87
N GLU B 126 -19.20 -29.49 16.57
CA GLU B 126 -18.08 -30.18 15.97
C GLU B 126 -16.79 -29.39 16.26
N ALA B 127 -16.85 -28.08 16.07
CA ALA B 127 -15.69 -27.23 16.30
C ALA B 127 -15.36 -27.17 17.79
N VAL B 128 -16.37 -26.94 18.62
CA VAL B 128 -16.15 -26.86 20.05
C VAL B 128 -15.50 -28.14 20.57
N ASN B 129 -16.04 -29.28 20.18
CA ASN B 129 -15.51 -30.57 20.61
C ASN B 129 -14.12 -30.83 20.08
N HIS B 130 -13.85 -30.34 18.88
CA HIS B 130 -12.53 -30.55 18.30
C HIS B 130 -11.48 -29.70 19.02
N TYR B 131 -11.87 -28.52 19.49
CA TYR B 131 -10.94 -27.68 20.22
C TYR B 131 -10.58 -28.33 21.55
N VAL B 132 -11.60 -28.77 22.27
CA VAL B 132 -11.40 -29.44 23.55
C VAL B 132 -10.51 -30.66 23.34
N GLU B 133 -10.71 -31.34 22.22
CA GLU B 133 -9.95 -32.52 21.89
C GLU B 133 -8.46 -32.18 21.66
N MET B 134 -8.20 -31.16 20.84
CA MET B 134 -6.82 -30.77 20.56
C MET B 134 -6.09 -30.27 21.81
N TYR B 135 -6.74 -29.40 22.56
CA TYR B 135 -6.13 -28.83 23.75
C TYR B 135 -6.05 -29.78 24.93
N LYS B 136 -6.96 -30.75 24.96
CA LYS B 136 -6.95 -31.73 26.03
C LYS B 136 -5.77 -32.66 25.75
N ASP B 137 -5.49 -32.88 24.47
CA ASP B 137 -4.38 -33.74 24.06
C ASP B 137 -3.05 -33.19 24.56
N TRP B 138 -2.95 -31.87 24.62
CA TRP B 138 -1.75 -31.22 25.11
C TRP B 138 -1.73 -31.16 26.63
N VAL B 139 -2.83 -30.71 27.22
CA VAL B 139 -2.92 -30.61 28.67
C VAL B 139 -2.79 -31.96 29.38
N GLU B 140 -3.46 -32.99 28.88
CA GLU B 140 -3.39 -34.30 29.52
C GLU B 140 -2.00 -34.93 29.47
N ARG B 141 -1.03 -34.21 28.90
CA ARG B 141 0.35 -34.69 28.83
C ARG B 141 1.05 -34.15 30.08
N GLY B 142 0.31 -33.39 30.87
CA GLY B 142 0.86 -32.78 32.06
C GLY B 142 1.58 -31.49 31.70
N ARG B 143 1.03 -30.76 30.74
CA ARG B 143 1.62 -29.51 30.27
C ARG B 143 0.63 -28.36 30.47
N LYS B 144 1.14 -27.13 30.41
CA LYS B 144 0.27 -25.97 30.59
C LYS B 144 -0.23 -25.37 29.29
N LEU B 145 -1.46 -24.87 29.34
CA LEU B 145 -2.09 -24.25 28.19
C LEU B 145 -2.60 -22.88 28.59
N ILE B 146 -2.36 -21.89 27.74
CA ILE B 146 -2.85 -20.53 27.96
C ILE B 146 -3.82 -20.33 26.81
N LEU B 147 -5.07 -20.05 27.11
CA LEU B 147 -6.09 -19.89 26.07
C LEU B 147 -6.45 -18.45 25.78
N ASN B 148 -6.30 -18.07 24.52
CA ASN B 148 -6.60 -16.74 24.03
C ASN B 148 -7.90 -16.82 23.23
N LEU B 149 -8.84 -15.95 23.54
CA LEU B 149 -10.14 -15.96 22.86
C LEU B 149 -10.21 -15.31 21.48
N TYR B 150 -9.35 -14.33 21.23
CA TYR B 150 -9.41 -13.61 19.97
C TYR B 150 -8.07 -13.32 19.35
N HIS B 151 -7.88 -13.79 18.12
CA HIS B 151 -6.65 -13.53 17.42
C HIS B 151 -6.89 -13.02 16.01
N TRP B 152 -7.72 -11.98 15.91
CA TRP B 152 -8.02 -11.24 14.69
C TRP B 152 -9.24 -11.54 13.81
N PRO B 153 -9.34 -12.74 13.21
CA PRO B 153 -10.52 -12.97 12.38
C PRO B 153 -11.87 -12.77 13.09
N LEU B 154 -12.81 -12.17 12.39
CA LEU B 154 -14.16 -11.94 12.91
C LEU B 154 -15.16 -12.70 12.04
N PRO B 155 -16.29 -13.15 12.63
CA PRO B 155 -17.29 -13.86 11.84
C PRO B 155 -17.82 -12.91 10.75
N LEU B 156 -18.15 -13.46 9.59
CA LEU B 156 -18.68 -12.64 8.50
C LEU B 156 -20.01 -12.00 8.87
N TRP B 157 -20.80 -12.66 9.71
CA TRP B 157 -22.07 -12.06 10.09
C TRP B 157 -21.85 -10.81 10.91
N LEU B 158 -20.62 -10.61 11.40
CA LEU B 158 -20.31 -9.44 12.20
C LEU B 158 -19.48 -8.46 11.35
N HIS B 159 -18.61 -9.00 10.50
CA HIS B 159 -17.79 -8.13 9.67
C HIS B 159 -17.63 -8.55 8.22
N ASN B 160 -18.15 -7.73 7.31
CA ASN B 160 -18.03 -7.99 5.88
C ASN B 160 -17.02 -6.92 5.44
N PRO B 161 -15.74 -7.26 5.42
CA PRO B 161 -14.67 -6.32 5.05
C PRO B 161 -14.81 -5.73 3.65
N ILE B 162 -15.06 -6.59 2.67
CA ILE B 162 -15.18 -6.10 1.30
C ILE B 162 -16.30 -5.06 1.18
N MET B 163 -17.44 -5.32 1.80
CA MET B 163 -18.55 -4.40 1.73
C MET B 163 -18.25 -3.09 2.49
N VAL B 164 -17.47 -3.18 3.56
CA VAL B 164 -17.12 -1.99 4.33
C VAL B 164 -16.26 -1.06 3.47
N ARG B 165 -15.35 -1.64 2.70
CA ARG B 165 -14.45 -0.84 1.86
C ARG B 165 -15.19 -0.15 0.71
N ARG B 166 -16.10 -0.88 0.07
CA ARG B 166 -16.87 -0.35 -1.06
C ARG B 166 -17.98 0.62 -0.71
N MET B 167 -18.74 0.29 0.33
CA MET B 167 -19.88 1.11 0.70
C MET B 167 -19.66 2.05 1.86
N GLY B 168 -18.71 1.72 2.72
CA GLY B 168 -18.47 2.54 3.89
C GLY B 168 -18.96 1.76 5.10
N PRO B 169 -18.44 2.06 6.30
CA PRO B 169 -18.83 1.37 7.53
C PRO B 169 -20.31 1.42 7.86
N ASP B 170 -20.97 2.53 7.51
CA ASP B 170 -22.38 2.70 7.79
C ASP B 170 -23.33 1.92 6.89
N ARG B 171 -22.79 1.26 5.86
CA ARG B 171 -23.65 0.49 4.96
C ARG B 171 -23.20 -0.97 4.88
N ALA B 172 -22.65 -1.48 5.97
CA ALA B 172 -22.19 -2.86 6.00
C ALA B 172 -21.94 -3.35 7.42
N PRO B 173 -21.91 -4.68 7.61
CA PRO B 173 -21.64 -5.21 8.95
C PRO B 173 -20.20 -4.74 9.17
N SER B 174 -20.01 -3.76 10.04
CA SER B 174 -18.69 -3.16 10.24
C SER B 174 -17.75 -3.65 11.34
N GLY B 175 -17.85 -4.92 11.75
CA GLY B 175 -16.96 -5.44 12.78
C GLY B 175 -16.85 -4.64 14.07
N TRP B 176 -15.62 -4.36 14.51
CA TRP B 176 -15.43 -3.62 15.75
C TRP B 176 -15.97 -2.20 15.69
N LEU B 177 -16.40 -1.76 14.52
CA LEU B 177 -16.97 -0.42 14.40
C LEU B 177 -18.42 -0.47 14.87
N ASN B 178 -18.93 -1.69 15.03
CA ASN B 178 -20.30 -1.91 15.50
C ASN B 178 -20.23 -2.22 16.99
N GLU B 179 -20.67 -1.28 17.83
CA GLU B 179 -20.62 -1.49 19.28
C GLU B 179 -21.22 -2.81 19.74
N GLU B 180 -22.18 -3.33 18.97
CA GLU B 180 -22.79 -4.61 19.34
C GLU B 180 -21.76 -5.74 19.36
N SER B 181 -20.59 -5.48 18.77
CA SER B 181 -19.53 -6.47 18.74
C SER B 181 -19.09 -6.71 20.18
N VAL B 182 -19.24 -5.68 21.01
CA VAL B 182 -18.88 -5.78 22.41
C VAL B 182 -19.76 -6.80 23.10
N VAL B 183 -21.06 -6.70 22.87
CA VAL B 183 -22.03 -7.59 23.47
C VAL B 183 -21.83 -9.01 22.95
N GLU B 184 -21.64 -9.15 21.64
CA GLU B 184 -21.45 -10.47 21.06
C GLU B 184 -20.16 -11.11 21.54
N PHE B 185 -19.12 -10.31 21.68
CA PHE B 185 -17.84 -10.84 22.13
C PHE B 185 -17.99 -11.33 23.58
N ALA B 186 -18.71 -10.56 24.38
CA ALA B 186 -18.95 -10.91 25.78
C ALA B 186 -19.69 -12.24 25.89
N LYS B 187 -20.66 -12.45 25.01
CA LYS B 187 -21.42 -13.68 25.01
C LYS B 187 -20.51 -14.83 24.62
N TYR B 188 -19.70 -14.60 23.60
CA TYR B 188 -18.73 -15.60 23.11
C TYR B 188 -17.74 -15.96 24.22
N ALA B 189 -17.29 -14.95 24.96
CA ALA B 189 -16.34 -15.17 26.03
C ALA B 189 -16.92 -16.01 27.17
N ALA B 190 -18.15 -15.72 27.58
CA ALA B 190 -18.81 -16.48 28.64
C ALA B 190 -18.97 -17.93 28.22
N TYR B 191 -19.39 -18.14 26.98
CA TYR B 191 -19.59 -19.49 26.46
C TYR B 191 -18.30 -20.31 26.47
N ILE B 192 -17.20 -19.73 26.02
CA ILE B 192 -15.93 -20.44 25.98
C ILE B 192 -15.45 -20.69 27.40
N ALA B 193 -15.61 -19.70 28.26
CA ALA B 193 -15.21 -19.84 29.65
C ALA B 193 -15.98 -21.02 30.27
N TRP B 194 -17.28 -21.07 30.02
CA TRP B 194 -18.11 -22.14 30.58
C TRP B 194 -17.83 -23.49 29.94
N LYS B 195 -17.60 -23.49 28.63
CA LYS B 195 -17.35 -24.73 27.90
C LYS B 195 -15.94 -25.32 27.99
N MET B 196 -14.92 -24.48 27.98
CA MET B 196 -13.54 -24.96 28.02
C MET B 196 -12.75 -24.49 29.25
N GLY B 197 -13.44 -23.94 30.23
CA GLY B 197 -12.78 -23.44 31.43
C GLY B 197 -11.81 -24.32 32.19
N GLU B 198 -11.94 -25.63 32.09
CA GLU B 198 -11.04 -26.52 32.82
C GLU B 198 -9.65 -26.67 32.18
N LEU B 199 -9.58 -26.44 30.87
CA LEU B 199 -8.33 -26.60 30.13
C LEU B 199 -7.13 -25.69 30.44
N PRO B 200 -7.28 -24.35 30.31
CA PRO B 200 -6.19 -23.39 30.56
C PRO B 200 -5.83 -23.08 32.00
N VAL B 201 -4.62 -22.56 32.19
CA VAL B 201 -4.18 -22.15 33.52
C VAL B 201 -4.40 -20.64 33.60
N MET B 202 -4.53 -20.00 32.44
CA MET B 202 -4.76 -18.55 32.36
C MET B 202 -5.51 -18.22 31.09
N TRP B 203 -6.22 -17.10 31.11
CA TRP B 203 -6.96 -16.65 29.95
C TRP B 203 -6.40 -15.35 29.41
N SER B 204 -6.69 -15.13 28.13
CA SER B 204 -6.32 -13.89 27.44
C SER B 204 -7.55 -13.60 26.63
N THR B 205 -8.04 -12.37 26.73
CA THR B 205 -9.23 -11.98 25.99
C THR B 205 -8.90 -11.82 24.50
N MET B 206 -7.78 -11.17 24.21
CA MET B 206 -7.40 -10.91 22.82
C MET B 206 -5.90 -10.76 22.58
N ASN B 207 -5.51 -10.93 21.31
CA ASN B 207 -4.12 -10.84 20.90
C ASN B 207 -3.86 -9.57 20.10
N GLU B 208 -2.89 -8.79 20.55
CA GLU B 208 -2.50 -7.53 19.89
C GLU B 208 -3.69 -6.79 19.29
N PRO B 209 -4.65 -6.36 20.11
CA PRO B 209 -5.81 -5.65 19.59
C PRO B 209 -5.42 -4.37 18.84
N ASN B 210 -4.34 -3.73 19.26
CA ASN B 210 -3.90 -2.49 18.62
C ASN B 210 -3.53 -2.69 17.15
N VAL B 211 -2.99 -3.85 16.81
CA VAL B 211 -2.60 -4.14 15.43
C VAL B 211 -3.85 -4.24 14.55
N VAL B 212 -4.92 -4.80 15.10
CA VAL B 212 -6.18 -4.94 14.38
C VAL B 212 -6.70 -3.59 13.91
N TYR B 213 -6.84 -2.62 14.82
CA TYR B 213 -7.37 -1.31 14.40
C TYR B 213 -6.38 -0.37 13.72
N GLU B 214 -5.09 -0.52 14.04
CA GLU B 214 -4.09 0.33 13.39
C GLU B 214 -3.90 -0.12 11.94
N GLN B 215 -3.81 -1.43 11.72
CA GLN B 215 -3.62 -1.96 10.38
C GLN B 215 -4.88 -1.86 9.54
N GLY B 216 -6.03 -2.15 10.14
CA GLY B 216 -7.28 -2.09 9.41
C GLY B 216 -7.80 -0.72 9.04
N TYR B 217 -7.47 0.30 9.84
CA TYR B 217 -7.99 1.64 9.57
C TYR B 217 -6.95 2.75 9.40
N MET B 218 -5.68 2.42 9.50
CA MET B 218 -4.65 3.45 9.35
C MET B 218 -3.58 3.05 8.35
N PHE B 219 -2.86 1.97 8.65
CA PHE B 219 -1.79 1.51 7.79
C PHE B 219 -2.33 0.53 6.75
N VAL B 220 -3.32 1.01 6.01
CA VAL B 220 -4.02 0.24 4.99
C VAL B 220 -3.15 -0.44 3.92
N LYS B 221 -1.94 0.04 3.71
CA LYS B 221 -1.09 -0.62 2.72
C LYS B 221 -0.62 -1.97 3.24
N GLY B 222 -0.89 -2.24 4.52
CA GLY B 222 -0.48 -3.50 5.11
C GLY B 222 -1.36 -4.68 4.74
N GLY B 223 -2.49 -4.42 4.07
CA GLY B 223 -3.35 -5.51 3.65
C GLY B 223 -4.25 -6.15 4.70
N PHE B 224 -4.56 -5.44 5.77
CA PHE B 224 -5.45 -5.96 6.81
C PHE B 224 -6.87 -5.49 6.52
N PRO B 225 -7.87 -6.35 6.80
CA PRO B 225 -9.27 -5.97 6.56
C PRO B 225 -9.70 -4.95 7.60
N PRO B 226 -10.62 -4.04 7.26
CA PRO B 226 -11.30 -3.88 5.96
C PRO B 226 -10.52 -2.92 5.05
N GLY B 227 -9.35 -2.50 5.51
CA GLY B 227 -8.54 -1.59 4.73
C GLY B 227 -9.27 -0.29 4.47
N TYR B 228 -9.95 0.23 5.49
CA TYR B 228 -10.71 1.46 5.37
C TYR B 228 -10.01 2.60 6.13
N LEU B 229 -9.21 3.37 5.41
CA LEU B 229 -8.46 4.46 6.00
C LEU B 229 -9.35 5.51 6.66
N SER B 230 -9.20 5.66 7.97
CA SER B 230 -9.99 6.61 8.74
C SER B 230 -9.54 6.62 10.19
N LEU B 231 -8.93 7.70 10.63
CA LEU B 231 -8.45 7.78 12.01
C LEU B 231 -9.68 7.69 12.93
N GLU B 232 -10.79 8.25 12.47
CA GLU B 232 -12.03 8.23 13.23
C GLU B 232 -12.50 6.79 13.42
N ALA B 233 -12.36 5.97 12.39
CA ALA B 233 -12.77 4.57 12.48
C ALA B 233 -11.82 3.80 13.40
N ALA B 234 -10.54 4.15 13.36
CA ALA B 234 -9.54 3.50 14.20
C ALA B 234 -9.84 3.71 15.68
N ASP B 235 -10.14 4.96 16.05
CA ASP B 235 -10.45 5.27 17.44
C ASP B 235 -11.71 4.56 17.91
N LYS B 236 -12.69 4.49 17.03
CA LYS B 236 -13.94 3.84 17.35
C LYS B 236 -13.70 2.34 17.60
N ALA B 237 -12.97 1.69 16.69
CA ALA B 237 -12.67 0.26 16.84
C ALA B 237 -11.88 0.04 18.14
N ARG B 238 -10.89 0.89 18.39
CA ARG B 238 -10.08 0.77 19.58
C ARG B 238 -10.99 0.86 20.80
N ARG B 239 -11.86 1.86 20.81
CA ARG B 239 -12.79 2.05 21.91
C ARG B 239 -13.64 0.81 22.18
N ASN B 240 -14.26 0.25 21.14
CA ASN B 240 -15.08 -0.93 21.34
C ASN B 240 -14.26 -2.16 21.72
N MET B 241 -13.01 -2.23 21.26
CA MET B 241 -12.19 -3.37 21.62
C MET B 241 -11.81 -3.29 23.08
N ILE B 242 -11.60 -2.08 23.58
CA ILE B 242 -11.26 -1.89 24.98
C ILE B 242 -12.46 -2.34 25.81
N GLN B 243 -13.66 -1.98 25.37
CA GLN B 243 -14.87 -2.38 26.08
C GLN B 243 -15.08 -3.87 25.99
N ALA B 244 -14.86 -4.42 24.79
CA ALA B 244 -15.01 -5.86 24.57
C ALA B 244 -14.12 -6.62 25.55
N HIS B 245 -12.91 -6.13 25.76
CA HIS B 245 -11.99 -6.78 26.69
C HIS B 245 -12.56 -6.76 28.11
N ALA B 246 -12.94 -5.58 28.57
CA ALA B 246 -13.46 -5.42 29.93
C ALA B 246 -14.66 -6.33 30.17
N ARG B 247 -15.57 -6.35 29.19
CA ARG B 247 -16.77 -7.17 29.29
C ARG B 247 -16.43 -8.67 29.22
N ALA B 248 -15.46 -9.02 28.39
CA ALA B 248 -15.05 -10.42 28.26
C ALA B 248 -14.43 -10.85 29.59
N TYR B 249 -13.70 -9.94 30.20
CA TYR B 249 -13.07 -10.24 31.48
C TYR B 249 -14.15 -10.56 32.51
N ASP B 250 -15.16 -9.71 32.62
CA ASP B 250 -16.23 -9.92 33.58
C ASP B 250 -16.93 -11.26 33.38
N ASN B 251 -17.20 -11.60 32.13
CA ASN B 251 -17.90 -12.84 31.84
C ASN B 251 -17.07 -14.12 31.96
N ILE B 252 -15.75 -14.01 31.83
CA ILE B 252 -14.90 -15.18 31.97
C ILE B 252 -14.84 -15.50 33.46
N LYS B 253 -14.65 -14.45 34.26
CA LYS B 253 -14.55 -14.57 35.70
C LYS B 253 -15.77 -15.22 36.33
N ARG B 254 -16.91 -15.08 35.67
CA ARG B 254 -18.16 -15.65 36.16
C ARG B 254 -18.14 -17.17 36.08
N PHE B 255 -17.41 -17.72 35.11
CA PHE B 255 -17.35 -19.17 34.95
C PHE B 255 -15.97 -19.75 35.21
N SER B 256 -14.99 -18.88 35.40
CA SER B 256 -13.62 -19.32 35.63
C SER B 256 -12.91 -18.29 36.50
N LYS B 257 -12.42 -18.74 37.65
CA LYS B 257 -11.74 -17.84 38.58
C LYS B 257 -10.25 -17.76 38.28
N LYS B 258 -9.83 -18.26 37.12
CA LYS B 258 -8.43 -18.24 36.73
C LYS B 258 -8.00 -16.84 36.27
N PRO B 259 -6.69 -16.58 36.22
CA PRO B 259 -6.19 -15.27 35.79
C PRO B 259 -6.62 -14.91 34.37
N VAL B 260 -7.14 -13.70 34.19
CA VAL B 260 -7.56 -13.24 32.87
C VAL B 260 -6.76 -12.01 32.49
N GLY B 261 -6.06 -12.10 31.36
CA GLY B 261 -5.27 -10.98 30.94
C GLY B 261 -5.48 -10.58 29.50
N LEU B 262 -4.42 -10.02 28.91
CA LEU B 262 -4.44 -9.56 27.54
C LEU B 262 -3.04 -9.64 26.94
N ILE B 263 -2.95 -10.09 25.70
CA ILE B 263 -1.68 -10.19 24.98
C ILE B 263 -1.58 -8.93 24.14
N TYR B 264 -0.45 -8.25 24.20
CA TYR B 264 -0.32 -6.99 23.47
C TYR B 264 0.97 -6.84 22.66
N ALA B 265 0.87 -6.11 21.55
CA ALA B 265 2.04 -5.89 20.70
C ALA B 265 2.83 -4.66 21.15
N PHE B 266 3.98 -4.87 21.77
CA PHE B 266 4.78 -3.74 22.21
C PHE B 266 6.06 -3.52 21.42
N GLN B 267 6.20 -2.35 20.83
CA GLN B 267 7.43 -2.03 20.13
C GLN B 267 8.21 -1.24 21.16
N TRP B 268 9.53 -1.32 21.16
CA TRP B 268 10.29 -0.53 22.12
C TRP B 268 10.62 0.83 21.50
N PHE B 269 9.92 1.86 21.96
CA PHE B 269 10.11 3.22 21.48
C PHE B 269 11.44 3.84 21.92
N GLU B 270 12.06 4.61 21.03
CA GLU B 270 13.34 5.27 21.28
C GLU B 270 13.51 6.55 20.47
N LEU B 271 14.39 7.45 20.91
CA LEU B 271 14.61 8.70 20.18
C LEU B 271 16.04 9.27 20.22
N LEU B 272 16.15 10.58 20.04
CA LEU B 272 17.42 11.32 20.02
C LEU B 272 18.23 11.23 21.31
N GLU B 273 19.11 12.21 21.50
CA GLU B 273 19.96 12.31 22.68
C GLU B 273 19.05 12.59 23.86
N GLY B 274 19.05 13.84 24.31
CA GLY B 274 18.20 14.25 25.42
C GLY B 274 17.21 15.29 24.91
N PRO B 275 16.42 14.96 23.87
CA PRO B 275 15.44 15.87 23.27
C PRO B 275 14.40 16.41 24.27
N ALA B 276 13.70 15.52 24.95
CA ALA B 276 12.69 15.94 25.91
C ALA B 276 11.93 14.80 26.57
N GLU B 277 10.90 15.16 27.34
CA GLU B 277 10.05 14.19 28.02
C GLU B 277 8.70 14.23 27.33
N VAL B 278 8.66 14.92 26.19
CA VAL B 278 7.47 15.02 25.38
C VAL B 278 7.22 13.65 24.78
N PHE B 279 8.29 12.85 24.77
CA PHE B 279 8.26 11.50 24.23
C PHE B 279 7.41 10.61 25.13
N ASP B 280 7.62 10.72 26.45
CA ASP B 280 6.87 9.94 27.43
C ASP B 280 5.38 10.08 27.18
N LYS B 281 4.92 11.30 26.95
CA LYS B 281 3.51 11.53 26.69
C LYS B 281 3.17 10.82 25.39
N PHE B 282 4.06 10.96 24.41
CA PHE B 282 3.89 10.33 23.11
C PHE B 282 3.65 8.83 23.29
N LYS B 283 4.50 8.21 24.09
CA LYS B 283 4.40 6.77 24.37
C LYS B 283 3.10 6.44 25.08
N SER B 284 2.72 7.27 26.04
CA SER B 284 1.49 7.05 26.79
C SER B 284 0.29 7.15 25.88
N SER B 285 0.37 8.02 24.88
CA SER B 285 -0.74 8.21 23.96
C SER B 285 -0.88 7.12 22.90
N LYS B 286 0.23 6.61 22.40
CA LYS B 286 0.14 5.58 21.37
C LYS B 286 0.53 4.17 21.78
N LEU B 287 1.58 4.02 22.56
CA LEU B 287 2.02 2.69 22.96
C LEU B 287 1.30 2.13 24.18
N TYR B 288 1.25 2.91 25.26
CA TYR B 288 0.62 2.45 26.51
C TYR B 288 -0.85 2.75 26.68
N TYR B 289 -1.45 3.40 25.69
CA TYR B 289 -2.86 3.70 25.74
C TYR B 289 -3.51 2.37 25.32
N PHE B 290 -4.39 1.88 26.17
CA PHE B 290 -5.15 0.65 25.99
C PHE B 290 -4.88 -0.17 27.23
N THR B 291 -3.60 -0.49 27.46
CA THR B 291 -3.25 -1.26 28.63
C THR B 291 -3.37 -0.36 29.86
N ASP B 292 -3.24 0.95 29.68
CA ASP B 292 -3.41 1.89 30.79
C ASP B 292 -4.88 1.86 31.19
N ILE B 293 -5.77 1.99 30.21
CA ILE B 293 -7.20 1.99 30.46
C ILE B 293 -7.72 0.71 31.09
N VAL B 294 -7.29 -0.43 30.57
CA VAL B 294 -7.76 -1.72 31.10
C VAL B 294 -7.16 -2.09 32.46
N SER B 295 -6.29 -1.24 32.99
CA SER B 295 -5.68 -1.48 34.28
C SER B 295 -5.98 -0.35 35.27
N LYS B 296 -5.72 0.89 34.86
CA LYS B 296 -5.95 2.08 35.70
C LYS B 296 -7.33 2.68 35.50
N GLY B 297 -7.94 2.43 34.35
CA GLY B 297 -9.25 2.99 34.09
C GLY B 297 -9.15 4.40 33.53
N SER B 298 -7.97 4.78 33.05
CA SER B 298 -7.75 6.11 32.48
C SER B 298 -6.40 6.21 31.77
N SER B 299 -6.16 7.33 31.10
CA SER B 299 -4.90 7.55 30.37
C SER B 299 -4.39 8.99 30.53
N ILE B 300 -3.40 9.36 29.73
CA ILE B 300 -2.81 10.70 29.79
C ILE B 300 -3.74 11.87 29.47
N ILE B 301 -3.57 12.95 30.26
CA ILE B 301 -4.38 14.16 30.15
C ILE B 301 -5.80 13.80 29.73
N ASN B 302 -6.52 13.21 30.67
CA ASN B 302 -7.90 12.77 30.46
C ASN B 302 -8.39 12.23 31.80
N VAL B 303 -8.74 13.16 32.69
CA VAL B 303 -9.23 12.84 34.03
C VAL B 303 -10.08 11.57 34.08
N GLU B 304 -11.02 11.46 33.14
CA GLU B 304 -11.93 10.33 33.03
C GLU B 304 -11.40 9.06 33.70
N TYR B 305 -12.18 8.51 34.61
CA TYR B 305 -11.82 7.27 35.28
C TYR B 305 -12.97 6.29 35.13
N ARG B 306 -12.79 5.24 34.35
CA ARG B 306 -13.86 4.28 34.17
C ARG B 306 -13.64 2.99 34.96
N ARG B 307 -14.50 2.82 35.97
CA ARG B 307 -14.45 1.67 36.84
C ARG B 307 -14.76 0.37 36.12
N ASP B 308 -15.60 0.44 35.09
CA ASP B 308 -15.97 -0.76 34.35
C ASP B 308 -14.84 -1.26 33.43
N LEU B 309 -13.77 -0.47 33.32
CA LEU B 309 -12.64 -0.84 32.48
C LEU B 309 -11.37 -1.11 33.31
N ALA B 310 -11.25 -0.42 34.44
CA ALA B 310 -10.08 -0.58 35.31
C ALA B 310 -10.06 -1.94 36.00
N ASN B 311 -8.90 -2.32 36.53
CA ASN B 311 -8.73 -3.58 37.25
C ASN B 311 -9.13 -4.79 36.43
N ARG B 312 -8.79 -4.79 35.15
CA ARG B 312 -9.12 -5.94 34.32
C ARG B 312 -7.92 -6.41 33.54
N LEU B 313 -6.81 -6.58 34.26
CA LEU B 313 -5.55 -7.02 33.69
C LEU B 313 -4.80 -7.81 34.77
N ASP B 314 -5.14 -9.09 34.93
CA ASP B 314 -4.48 -9.91 35.94
C ASP B 314 -3.03 -10.20 35.59
N TRP B 315 -2.74 -10.28 34.30
CA TRP B 315 -1.38 -10.51 33.81
C TRP B 315 -1.29 -9.88 32.43
N LEU B 316 -0.07 -9.57 31.98
CA LEU B 316 0.11 -8.94 30.68
C LEU B 316 0.98 -9.81 29.77
N GLY B 317 0.44 -10.12 28.59
CA GLY B 317 1.20 -10.89 27.63
C GLY B 317 1.99 -9.92 26.78
N VAL B 318 3.29 -10.14 26.67
CA VAL B 318 4.16 -9.27 25.89
C VAL B 318 4.67 -9.87 24.58
N ASN B 319 4.25 -9.27 23.47
CA ASN B 319 4.69 -9.70 22.14
C ASN B 319 5.74 -8.70 21.73
N TYR B 320 6.99 -9.15 21.66
CA TYR B 320 8.09 -8.29 21.28
C TYR B 320 8.89 -8.84 20.10
N TYR B 321 9.18 -7.97 19.14
CA TYR B 321 9.92 -8.36 17.95
C TYR B 321 11.07 -7.39 17.67
N SER B 322 10.79 -6.10 17.80
CA SER B 322 11.79 -5.08 17.53
C SER B 322 11.42 -3.72 18.13
N ARG B 323 12.09 -2.67 17.69
CA ARG B 323 11.84 -1.33 18.20
C ARG B 323 11.38 -0.35 17.13
N LEU B 324 11.15 0.88 17.57
CA LEU B 324 10.75 1.98 16.72
C LEU B 324 11.55 3.16 17.24
N VAL B 325 12.22 3.87 16.35
CA VAL B 325 13.03 5.01 16.76
C VAL B 325 12.50 6.32 16.18
N TYR B 326 12.39 7.33 17.03
CA TYR B 326 11.88 8.63 16.59
C TYR B 326 12.90 9.77 16.70
N LYS B 327 12.51 10.92 16.15
CA LYS B 327 13.34 12.11 16.14
C LYS B 327 12.47 13.35 16.42
N ILE B 328 13.11 14.43 16.87
CA ILE B 328 12.45 15.70 17.15
C ILE B 328 11.44 15.70 18.29
N VAL B 329 11.41 16.83 19.01
CA VAL B 329 10.50 17.04 20.13
C VAL B 329 9.29 17.86 19.66
N ASP B 330 9.46 19.17 19.52
CA ASP B 330 8.38 20.04 19.08
C ASP B 330 7.10 19.62 19.79
N ASP B 331 6.28 18.90 19.04
CA ASP B 331 5.00 18.38 19.51
C ASP B 331 4.71 17.16 18.65
N LYS B 332 5.65 16.84 17.77
CA LYS B 332 5.48 15.71 16.85
C LYS B 332 6.75 14.89 16.59
N PRO B 333 7.05 13.89 17.45
CA PRO B 333 8.25 13.09 17.18
C PRO B 333 7.99 12.32 15.88
N ILE B 334 9.02 12.11 15.08
CA ILE B 334 8.86 11.42 13.81
C ILE B 334 9.70 10.14 13.68
N ILE B 335 9.13 9.13 13.03
CA ILE B 335 9.80 7.83 12.83
C ILE B 335 10.97 7.86 11.86
N LEU B 336 12.08 7.28 12.29
CA LEU B 336 13.30 7.19 11.49
C LEU B 336 13.36 5.85 10.80
N HIS B 337 13.25 5.84 9.47
CA HIS B 337 13.36 4.58 8.73
C HIS B 337 14.78 4.04 8.91
N GLY B 338 14.97 2.77 8.60
CA GLY B 338 16.28 2.16 8.75
C GLY B 338 16.51 1.60 10.13
N TYR B 339 15.53 1.82 11.02
CA TYR B 339 15.59 1.33 12.40
C TYR B 339 14.41 0.42 12.72
N GLY B 340 14.62 -0.50 13.65
CA GLY B 340 13.56 -1.41 14.06
C GLY B 340 12.80 -2.10 12.95
N PHE B 341 11.48 -1.89 12.92
CA PHE B 341 10.63 -2.51 11.91
C PHE B 341 10.77 -1.90 10.53
N LEU B 342 11.44 -0.77 10.42
CA LEU B 342 11.58 -0.09 9.13
C LEU B 342 12.90 -0.34 8.41
N CYS B 343 13.47 -1.51 8.60
CA CYS B 343 14.73 -1.85 7.94
C CYS B 343 14.44 -2.65 6.68
N THR B 344 15.49 -3.00 5.94
CA THR B 344 15.31 -3.75 4.71
C THR B 344 15.55 -5.23 4.98
N PRO B 345 14.82 -6.09 4.27
CA PRO B 345 14.97 -7.55 4.43
C PRO B 345 16.43 -7.98 4.28
N GLY B 346 16.96 -8.61 5.33
CA GLY B 346 18.33 -9.10 5.31
C GLY B 346 19.40 -8.04 5.45
N GLY B 347 18.99 -6.77 5.53
CA GLY B 347 19.97 -5.70 5.65
C GLY B 347 20.59 -5.56 7.03
N ILE B 348 21.18 -4.39 7.28
CA ILE B 348 21.82 -4.08 8.56
C ILE B 348 21.40 -2.68 8.97
N SER B 349 21.08 -2.49 10.24
CA SER B 349 20.64 -1.17 10.71
C SER B 349 21.82 -0.24 10.95
N PRO B 350 21.57 1.07 11.04
CA PRO B 350 22.62 2.05 11.27
C PRO B 350 23.41 1.76 12.53
N ALA B 351 22.91 0.80 13.32
CA ALA B 351 23.58 0.43 14.57
C ALA B 351 24.28 -0.92 14.44
N GLU B 352 24.52 -1.34 13.20
CA GLU B 352 25.21 -2.60 12.94
C GLU B 352 24.43 -3.86 13.34
N ASN B 353 23.10 -3.75 13.44
CA ASN B 353 22.30 -4.91 13.82
C ASN B 353 21.70 -5.57 12.60
N PRO B 354 21.68 -6.91 12.55
CA PRO B 354 21.12 -7.67 11.44
C PRO B 354 19.60 -7.49 11.38
N CYS B 355 19.03 -7.60 10.19
CA CYS B 355 17.59 -7.45 10.01
C CYS B 355 16.96 -8.71 9.43
N SER B 356 15.77 -9.05 9.93
CA SER B 356 15.06 -10.26 9.51
C SER B 356 14.54 -10.18 8.08
N ASP B 357 13.96 -11.29 7.63
CA ASP B 357 13.39 -11.39 6.28
C ASP B 357 12.25 -10.39 6.16
N PHE B 358 11.69 -9.99 7.30
CA PHE B 358 10.59 -9.03 7.34
C PHE B 358 11.17 -7.63 7.32
N GLY B 359 12.49 -7.54 7.46
CA GLY B 359 13.13 -6.25 7.48
C GLY B 359 13.01 -5.63 8.87
N TRP B 360 12.98 -6.47 9.91
CA TRP B 360 12.88 -5.98 11.28
C TRP B 360 14.21 -6.18 11.98
N GLU B 361 14.73 -5.10 12.55
CA GLU B 361 16.01 -5.13 13.24
C GLU B 361 16.03 -5.97 14.51
N VAL B 362 17.05 -6.83 14.61
CA VAL B 362 17.24 -7.67 15.80
C VAL B 362 17.77 -6.74 16.88
N TYR B 363 17.03 -6.64 17.98
CA TYR B 363 17.40 -5.74 19.06
C TYR B 363 16.94 -6.30 20.41
N PRO B 364 17.58 -7.38 20.88
CA PRO B 364 17.26 -8.03 22.15
C PRO B 364 17.21 -7.16 23.40
N GLU B 365 18.04 -6.13 23.47
CA GLU B 365 18.06 -5.22 24.62
C GLU B 365 16.70 -4.59 24.84
N GLY B 366 15.99 -4.35 23.75
CA GLY B 366 14.69 -3.74 23.84
C GLY B 366 13.74 -4.55 24.71
N LEU B 367 13.82 -5.88 24.62
CA LEU B 367 12.94 -6.71 25.42
C LEU B 367 13.24 -6.49 26.89
N TYR B 368 14.52 -6.42 27.22
CA TYR B 368 14.93 -6.17 28.60
C TYR B 368 14.34 -4.85 29.10
N LEU B 369 14.59 -3.79 28.36
CA LEU B 369 14.10 -2.45 28.74
C LEU B 369 12.58 -2.40 28.78
N LEU B 370 11.94 -3.11 27.86
CA LEU B 370 10.49 -3.14 27.77
C LEU B 370 9.89 -3.79 29.02
N LEU B 371 10.46 -4.92 29.43
CA LEU B 371 9.95 -5.63 30.60
C LEU B 371 10.04 -4.82 31.87
N LYS B 372 11.19 -4.18 32.10
CA LYS B 372 11.36 -3.34 33.29
C LYS B 372 10.34 -2.21 33.26
N GLU B 373 10.25 -1.51 32.13
CA GLU B 373 9.32 -0.41 32.02
C GLU B 373 7.87 -0.83 32.23
N LEU B 374 7.48 -1.98 31.69
CA LEU B 374 6.11 -2.44 31.85
C LEU B 374 5.81 -2.74 33.31
N TYR B 375 6.75 -3.41 33.99
CA TYR B 375 6.53 -3.74 35.37
C TYR B 375 6.43 -2.48 36.23
N ASN B 376 7.30 -1.50 35.98
CA ASN B 376 7.22 -0.28 36.75
C ASN B 376 5.94 0.47 36.46
N ARG B 377 5.44 0.33 35.24
CA ARG B 377 4.22 1.03 34.87
C ARG B 377 2.97 0.36 35.42
N TYR B 378 2.88 -0.96 35.27
CA TYR B 378 1.70 -1.71 35.70
C TYR B 378 1.86 -2.61 36.93
N GLY B 379 3.08 -3.06 37.20
CA GLY B 379 3.33 -3.91 38.35
C GLY B 379 2.66 -5.26 38.29
N VAL B 380 2.18 -5.63 37.10
CA VAL B 380 1.51 -6.90 36.92
C VAL B 380 2.44 -8.01 36.42
N ASP B 381 2.04 -9.26 36.62
CA ASP B 381 2.85 -10.38 36.15
C ASP B 381 2.93 -10.29 34.64
N LEU B 382 4.10 -10.60 34.10
CA LEU B 382 4.32 -10.52 32.67
C LEU B 382 4.74 -11.85 32.08
N ILE B 383 4.35 -12.08 30.83
CA ILE B 383 4.73 -13.29 30.12
C ILE B 383 5.05 -12.91 28.69
N VAL B 384 6.24 -13.24 28.21
CA VAL B 384 6.59 -12.94 26.82
C VAL B 384 5.80 -13.96 26.01
N THR B 385 4.63 -13.53 25.53
CA THR B 385 3.75 -14.41 24.78
C THR B 385 4.13 -14.56 23.32
N GLU B 386 5.04 -13.70 22.84
CA GLU B 386 5.51 -13.76 21.47
C GLU B 386 6.89 -13.13 21.30
N ASN B 387 7.76 -13.84 20.60
CA ASN B 387 9.11 -13.40 20.30
C ASN B 387 9.69 -14.37 19.29
N GLY B 388 10.07 -13.83 18.14
CA GLY B 388 10.63 -14.67 17.09
C GLY B 388 11.16 -13.82 15.96
N VAL B 389 11.57 -14.49 14.88
CA VAL B 389 12.12 -13.76 13.76
C VAL B 389 11.85 -14.43 12.42
N SER B 390 11.50 -13.63 11.43
CA SER B 390 11.25 -14.13 10.09
C SER B 390 12.64 -14.45 9.54
N ASP B 391 12.93 -15.72 9.33
CA ASP B 391 14.25 -16.13 8.87
C ASP B 391 14.23 -17.57 8.35
N SER B 392 13.95 -17.70 7.05
CA SER B 392 13.86 -19.02 6.41
C SER B 392 15.17 -19.81 6.39
N ARG B 393 16.31 -19.14 6.44
CA ARG B 393 17.59 -19.84 6.41
C ARG B 393 18.10 -20.19 7.80
N ASP B 394 17.44 -19.65 8.81
CA ASP B 394 17.81 -19.87 10.21
C ASP B 394 19.19 -19.26 10.46
N ALA B 395 19.47 -18.17 9.75
CA ALA B 395 20.74 -17.49 9.90
C ALA B 395 20.72 -16.53 11.07
N LEU B 396 19.56 -16.32 11.68
CA LEU B 396 19.44 -15.38 12.80
C LEU B 396 18.75 -15.94 14.02
N ARG B 397 17.79 -16.84 13.79
CA ARG B 397 17.01 -17.41 14.87
C ARG B 397 17.80 -17.98 16.06
N PRO B 398 18.86 -18.75 15.80
CA PRO B 398 19.62 -19.31 16.92
C PRO B 398 20.10 -18.22 17.90
N ALA B 399 20.72 -17.17 17.37
CA ALA B 399 21.21 -16.08 18.21
C ALA B 399 20.05 -15.22 18.70
N TYR B 400 19.04 -15.04 17.84
CA TYR B 400 17.88 -14.24 18.21
C TYR B 400 17.20 -14.87 19.44
N LEU B 401 17.07 -16.19 19.40
CA LEU B 401 16.46 -16.94 20.50
C LEU B 401 17.21 -16.80 21.82
N VAL B 402 18.53 -17.02 21.79
CA VAL B 402 19.33 -16.92 23.01
C VAL B 402 19.42 -15.49 23.54
N SER B 403 19.50 -14.52 22.63
CA SER B 403 19.56 -13.11 23.01
C SER B 403 18.36 -12.71 23.85
N HIS B 404 17.16 -12.90 23.29
CA HIS B 404 15.94 -12.52 23.98
C HIS B 404 15.66 -13.33 25.24
N VAL B 405 15.99 -14.63 25.22
CA VAL B 405 15.78 -15.45 26.40
C VAL B 405 16.68 -14.86 27.50
N TYR B 406 17.82 -14.33 27.08
CA TYR B 406 18.75 -13.73 28.03
C TYR B 406 18.13 -12.47 28.61
N SER B 407 17.59 -11.61 27.75
CA SER B 407 16.96 -10.39 28.22
C SER B 407 15.89 -10.73 29.25
N VAL B 408 15.16 -11.81 29.02
CA VAL B 408 14.13 -12.21 29.97
C VAL B 408 14.78 -12.67 31.27
N TRP B 409 15.83 -13.47 31.16
CA TRP B 409 16.53 -13.93 32.36
C TRP B 409 17.01 -12.73 33.16
N LYS B 410 17.70 -11.83 32.48
CA LYS B 410 18.22 -10.62 33.09
C LYS B 410 17.11 -9.90 33.87
N ALA B 411 15.93 -9.78 33.26
CA ALA B 411 14.80 -9.13 33.91
C ALA B 411 14.34 -9.91 35.15
N ALA B 412 14.20 -11.22 35.01
CA ALA B 412 13.76 -12.06 36.12
C ALA B 412 14.80 -12.03 37.22
N ASN B 413 16.06 -12.10 36.83
CA ASN B 413 17.14 -12.09 37.81
C ASN B 413 17.12 -10.81 38.65
N GLU B 414 16.56 -9.73 38.07
CA GLU B 414 16.46 -8.45 38.76
C GLU B 414 15.12 -8.26 39.48
N GLY B 415 14.39 -9.36 39.65
CA GLY B 415 13.11 -9.27 40.34
C GLY B 415 11.85 -9.06 39.54
N ILE B 416 11.95 -8.73 38.25
CA ILE B 416 10.75 -8.55 37.45
C ILE B 416 10.02 -9.88 37.30
N PRO B 417 8.76 -9.94 37.72
CA PRO B 417 7.93 -11.14 37.65
C PRO B 417 7.53 -11.60 36.24
N VAL B 418 8.51 -11.96 35.41
CA VAL B 418 8.19 -12.45 34.08
C VAL B 418 8.02 -13.95 34.30
N LYS B 419 6.81 -14.43 34.09
CA LYS B 419 6.49 -15.84 34.34
C LYS B 419 6.77 -16.86 33.24
N GLY B 420 7.27 -16.42 32.09
CA GLY B 420 7.57 -17.36 31.02
C GLY B 420 7.94 -16.74 29.69
N TYR B 421 8.47 -17.58 28.81
CA TYR B 421 8.87 -17.15 27.47
C TYR B 421 8.32 -18.09 26.42
N LEU B 422 7.46 -17.56 25.57
CA LEU B 422 6.85 -18.34 24.50
C LEU B 422 7.35 -17.81 23.16
N HIS B 423 8.05 -18.67 22.42
CA HIS B 423 8.61 -18.30 21.12
C HIS B 423 7.51 -18.21 20.07
N TRP B 424 7.59 -17.24 19.17
CA TRP B 424 6.54 -17.21 18.18
C TRP B 424 6.71 -18.34 17.19
N SER B 425 5.80 -19.30 17.34
CA SER B 425 5.70 -20.47 16.50
C SER B 425 6.81 -21.47 16.53
N LEU B 426 6.37 -22.71 16.69
CA LEU B 426 7.20 -23.89 16.69
C LEU B 426 7.46 -24.14 15.20
N THR B 427 6.43 -23.89 14.38
CA THR B 427 6.50 -24.13 12.95
C THR B 427 6.18 -22.89 12.12
N ASP B 428 6.55 -22.93 10.84
CA ASP B 428 6.22 -21.82 9.97
C ASP B 428 4.70 -21.84 9.85
N ASN B 429 4.14 -20.72 9.43
CA ASN B 429 2.69 -20.63 9.29
C ASN B 429 2.31 -19.55 8.28
N TYR B 430 1.01 -19.28 8.19
CA TYR B 430 0.49 -18.28 7.26
C TYR B 430 0.66 -16.90 7.89
N GLU B 431 1.60 -16.11 7.37
CA GLU B 431 1.84 -14.78 7.93
C GLU B 431 0.90 -13.72 7.36
N TRP B 432 -0.38 -13.88 7.67
CA TRP B 432 -1.43 -12.97 7.24
C TRP B 432 -1.38 -12.47 5.80
N ALA B 433 -1.30 -11.15 5.61
CA ALA B 433 -1.26 -10.58 4.27
C ALA B 433 0.04 -10.87 3.54
N GLN B 434 1.06 -11.26 4.30
CA GLN B 434 2.37 -11.56 3.76
C GLN B 434 2.43 -13.00 3.24
N GLY B 435 1.43 -13.81 3.57
CA GLY B 435 1.43 -15.19 3.10
C GLY B 435 2.47 -16.07 3.76
N PHE B 436 2.99 -17.05 3.01
CA PHE B 436 3.97 -17.98 3.54
C PHE B 436 5.44 -17.57 3.40
N ARG B 437 5.72 -16.48 2.70
CA ARG B 437 7.10 -16.06 2.51
C ARG B 437 7.81 -15.61 3.76
N GLN B 438 7.08 -15.48 4.85
CA GLN B 438 7.67 -15.05 6.09
C GLN B 438 7.68 -16.27 7.02
N LYS B 439 8.85 -16.85 7.25
CA LYS B 439 8.97 -18.04 8.08
C LYS B 439 9.49 -17.81 9.49
N PHE B 440 8.62 -17.98 10.48
CA PHE B 440 9.01 -17.79 11.88
C PHE B 440 9.25 -19.06 12.68
N GLY B 441 9.05 -20.22 12.06
CA GLY B 441 9.22 -21.45 12.81
C GLY B 441 10.61 -21.84 13.27
N LEU B 442 10.65 -22.62 14.35
CA LEU B 442 11.90 -23.17 14.87
C LEU B 442 12.00 -24.41 14.01
N VAL B 443 10.83 -24.82 13.51
CA VAL B 443 10.67 -25.99 12.67
C VAL B 443 10.13 -25.55 11.30
N MET B 444 10.85 -25.92 10.24
CA MET B 444 10.44 -25.58 8.88
C MET B 444 9.32 -26.52 8.44
N VAL B 445 8.37 -25.97 7.70
CA VAL B 445 7.26 -26.76 7.19
C VAL B 445 7.15 -26.67 5.68
N ASP B 446 7.18 -27.84 5.03
CA ASP B 446 7.01 -27.94 3.59
C ASP B 446 5.50 -27.91 3.43
N PHE B 447 4.93 -26.78 3.07
CA PHE B 447 3.48 -26.70 2.93
C PHE B 447 2.88 -27.57 1.84
N LYS B 448 3.73 -28.13 0.99
CA LYS B 448 3.22 -28.99 -0.07
C LYS B 448 2.94 -30.38 0.52
N THR B 449 3.88 -30.89 1.33
CA THR B 449 3.73 -32.21 1.93
C THR B 449 3.25 -32.15 3.39
N LYS B 450 3.39 -30.97 3.99
CA LYS B 450 3.00 -30.73 5.38
C LYS B 450 4.01 -31.31 6.37
N LYS B 451 5.15 -31.74 5.87
CA LYS B 451 6.18 -32.31 6.75
C LYS B 451 6.93 -31.26 7.55
N ARG B 452 7.29 -31.61 8.79
CA ARG B 452 8.03 -30.71 9.67
C ARG B 452 9.51 -31.08 9.70
N TYR B 453 10.35 -30.06 9.56
CA TYR B 453 11.79 -30.23 9.56
C TYR B 453 12.38 -29.33 10.64
N LEU B 454 13.25 -29.90 11.45
CA LEU B 454 13.88 -29.13 12.50
C LEU B 454 14.96 -28.22 11.96
N ARG B 455 14.89 -26.94 12.33
CA ARG B 455 15.93 -26.00 11.94
C ARG B 455 16.86 -26.11 13.13
N PRO B 456 18.15 -25.78 12.94
CA PRO B 456 19.08 -25.85 14.06
C PRO B 456 18.62 -25.07 15.28
N SER B 457 17.90 -23.97 15.06
CA SER B 457 17.41 -23.16 16.17
C SER B 457 16.52 -24.02 17.08
N ALA B 458 15.82 -24.99 16.49
CA ALA B 458 14.97 -25.88 17.28
C ALA B 458 15.82 -26.67 18.28
N LEU B 459 16.99 -27.11 17.83
CA LEU B 459 17.90 -27.84 18.71
C LEU B 459 18.35 -26.92 19.84
N VAL B 460 18.68 -25.68 19.51
CA VAL B 460 19.10 -24.72 20.52
C VAL B 460 17.97 -24.53 21.53
N PHE B 461 16.73 -24.49 21.03
CA PHE B 461 15.57 -24.31 21.90
C PHE B 461 15.48 -25.44 22.91
N ARG B 462 15.65 -26.68 22.44
CA ARG B 462 15.59 -27.85 23.31
C ARG B 462 16.62 -27.72 24.45
N GLU B 463 17.85 -27.32 24.11
CA GLU B 463 18.90 -27.16 25.12
C GLU B 463 18.43 -26.17 26.18
N ILE B 464 17.83 -25.06 25.75
CA ILE B 464 17.34 -24.05 26.68
C ILE B 464 16.18 -24.57 27.53
N ALA B 465 15.21 -25.21 26.88
CA ALA B 465 14.05 -25.73 27.59
C ALA B 465 14.47 -26.80 28.60
N THR B 466 15.34 -27.69 28.17
CA THR B 466 15.83 -28.77 29.02
C THR B 466 16.62 -28.28 30.21
N HIS B 467 17.46 -27.27 29.97
CA HIS B 467 18.28 -26.70 31.02
C HIS B 467 17.49 -25.64 31.80
N ASN B 468 16.30 -25.32 31.31
CA ASN B 468 15.45 -24.31 31.93
C ASN B 468 16.31 -23.07 32.13
N GLY B 469 17.09 -22.75 31.11
CA GLY B 469 17.95 -21.60 31.17
C GLY B 469 18.91 -21.61 29.99
N ILE B 470 19.94 -20.78 30.06
CA ILE B 470 20.93 -20.71 28.99
C ILE B 470 22.22 -21.35 29.51
N PRO B 471 22.55 -22.56 29.05
CA PRO B 471 23.77 -23.23 29.49
C PRO B 471 25.01 -22.42 29.15
N ASP B 472 26.04 -22.57 29.97
CA ASP B 472 27.30 -21.84 29.77
C ASP B 472 27.78 -22.02 28.34
N GLU B 473 27.68 -23.25 27.87
CA GLU B 473 28.10 -23.61 26.52
C GLU B 473 27.39 -22.86 25.40
N LEU B 474 26.36 -22.08 25.75
CA LEU B 474 25.63 -21.30 24.73
C LEU B 474 25.63 -19.80 25.06
N GLN B 475 26.35 -19.41 26.11
CA GLN B 475 26.43 -18.01 26.54
C GLN B 475 26.89 -17.02 25.47
N HIS B 476 27.64 -17.49 24.48
CA HIS B 476 28.13 -16.58 23.45
C HIS B 476 27.05 -16.00 22.56
N LEU B 477 25.89 -16.65 22.54
CA LEU B 477 24.81 -16.18 21.70
C LEU B 477 23.93 -15.12 22.33
N THR B 478 24.33 -14.62 23.48
CA THR B 478 23.57 -13.57 24.15
C THR B 478 23.99 -12.24 23.53
N LEU B 479 24.85 -12.31 22.52
CA LEU B 479 25.36 -11.13 21.85
C LEU B 479 24.54 -10.59 20.68
N ILE B 480 25.06 -10.79 19.47
CA ILE B 480 24.38 -10.30 18.25
C ILE B 480 24.56 -11.28 17.08
N GLN B 481 24.24 -10.80 15.87
CA GLN B 481 24.35 -11.58 14.64
C GLN B 481 24.99 -10.78 13.51
#